data_4PHL
#
_entry.id   4PHL
#
_cell.length_a   110.195
_cell.length_b   119.265
_cell.length_c   68.144
_cell.angle_alpha   90.00
_cell.angle_beta   106.97
_cell.angle_gamma   90.00
#
_symmetry.space_group_name_H-M   'C 1 2 1'
#
loop_
_entity.id
_entity.type
_entity.pdbx_description
1 polymer 'Class 1 phosphodiesterase PDEB1'
2 non-polymer 'ZINC ION'
3 non-polymer 'MAGNESIUM ION'
4 non-polymer 3-(CYCLOPENTYLOXY)-N-(3,5-DICHLOROPYRIDIN-4-YL)-4-METHOXYBENZAMIDE
5 non-polymer GUANIDINE
6 non-polymer GLYCEROL
7 non-polymer ETHANOL
8 water water
#
_entity_poly.entity_id   1
_entity_poly.type   'polypeptide(L)'
_entity_poly.pdbx_seq_one_letter_code
;HMASKNVPSRAVKRVTAITKVEREAVLVCELPSFDVTDVEFDLFRARESTDKPLDVAAAIAYRLLLGSGLPQKFGCSDEV
LLNFILQCRKKYRNVPYHNFYHVVDVCQTIHTFLYRGNVYEKLTELECFVLLITALVHDLDHMGLNNSFYLKTESPLGIL
SSASGNTSVLEVHHCNLAVEILSDPESDVFGGLEGAERTLAFRSMIDCVLATDMAKHGSALEAFLASAADQSSDEAAFHR
MTMEIILKAGDISNVTKPFDISRQWAMAVTEEFYRQGDMEKERGVEVLPMFDRSKNMELAKGQIGFIDFVAAPFFQKIVD
ACLQGMQWTVDRIKSNRAQWERVLETR
;
_entity_poly.pdbx_strand_id   A,B
#
loop_
_chem_comp.id
_chem_comp.type
_chem_comp.name
_chem_comp.formula
EOH non-polymer ETHANOL 'C2 H6 O'
GAI non-polymer GUANIDINE 'C H5 N3'
GOL non-polymer GLYCEROL 'C3 H8 O3'
MG non-polymer 'MAGNESIUM ION' 'Mg 2'
PIL non-polymer 3-(CYCLOPENTYLOXY)-N-(3,5-DICHLOROPYRIDIN-4-YL)-4-METHOXYBENZAMIDE 'C18 H18 Cl2 N2 O3'
ZN non-polymer 'ZINC ION' 'Zn 2'
#
# COMPACT_ATOMS: atom_id res chain seq x y z
N THR A 16 -7.98 30.50 -10.57
CA THR A 16 -8.87 31.02 -9.54
C THR A 16 -8.90 30.10 -8.32
N ALA A 17 -8.58 30.63 -7.15
CA ALA A 17 -8.42 29.78 -5.96
C ALA A 17 -9.74 29.16 -5.50
N ILE A 18 -9.66 27.92 -5.04
CA ILE A 18 -10.75 27.28 -4.34
C ILE A 18 -10.98 27.96 -2.99
N THR A 19 -12.24 28.22 -2.65
CA THR A 19 -12.58 28.88 -1.38
C THR A 19 -12.88 27.89 -0.24
N LYS A 20 -12.73 28.36 1.00
CA LYS A 20 -13.05 27.53 2.16
C LYS A 20 -14.52 27.07 2.08
N VAL A 21 -15.37 27.93 1.57
CA VAL A 21 -16.79 27.63 1.51
C VAL A 21 -17.09 26.53 0.50
N GLU A 22 -16.36 26.53 -0.61
CA GLU A 22 -16.46 25.42 -1.57
C GLU A 22 -15.97 24.09 -0.96
N ARG A 23 -14.90 24.14 -0.17
CA ARG A 23 -14.38 22.93 0.46
C ARG A 23 -15.39 22.37 1.48
N GLU A 24 -16.00 23.27 2.24
CA GLU A 24 -16.88 22.87 3.33
C GLU A 24 -18.14 22.18 2.81
N ALA A 25 -18.68 22.66 1.69
CA ALA A 25 -19.84 22.01 1.08
C ALA A 25 -19.53 20.57 0.64
N VAL A 26 -18.26 20.27 0.38
CA VAL A 26 -17.90 18.88 0.10
C VAL A 26 -17.75 18.13 1.43
N LEU A 27 -17.08 18.74 2.40
CA LEU A 27 -16.79 18.09 3.66
C LEU A 27 -18.03 17.71 4.48
N VAL A 28 -19.16 18.39 4.28
CA VAL A 28 -20.38 18.07 5.03
C VAL A 28 -21.09 16.81 4.52
N CYS A 29 -20.74 16.34 3.32
CA CYS A 29 -21.38 15.14 2.78
C CYS A 29 -20.80 13.88 3.42
N GLU A 30 -21.61 13.19 4.24
CA GLU A 30 -21.16 12.03 4.98
C GLU A 30 -21.45 10.69 4.30
N LEU A 31 -22.22 10.73 3.21
CA LEU A 31 -22.47 9.55 2.37
C LEU A 31 -23.06 8.37 3.14
N PRO A 32 -24.12 8.62 3.94
CA PRO A 32 -24.66 7.50 4.71
C PRO A 32 -25.32 6.46 3.79
N SER A 33 -25.09 5.18 4.11
CA SER A 33 -25.62 4.01 3.40
C SER A 33 -24.81 3.65 2.16
N PHE A 34 -23.67 4.31 1.96
CA PHE A 34 -22.84 4.01 0.81
C PHE A 34 -21.49 3.47 1.23
N ASP A 35 -20.99 2.51 0.45
CA ASP A 35 -19.61 2.05 0.62
C ASP A 35 -18.91 2.28 -0.70
N VAL A 36 -18.05 3.30 -0.74
CA VAL A 36 -17.52 3.74 -2.01
C VAL A 36 -16.47 2.76 -2.53
N THR A 37 -16.06 1.80 -1.71
CA THR A 37 -15.04 0.82 -2.12
C THR A 37 -15.64 -0.44 -2.73
N ASP A 38 -16.95 -0.56 -2.74
CA ASP A 38 -17.60 -1.82 -3.17
C ASP A 38 -17.87 -1.87 -4.66
N VAL A 39 -17.76 -3.06 -5.26
CA VAL A 39 -18.01 -3.17 -6.69
C VAL A 39 -19.47 -2.97 -7.07
N GLU A 40 -20.38 -2.97 -6.09
CA GLU A 40 -21.79 -2.73 -6.39
C GLU A 40 -22.28 -1.30 -6.03
N PHE A 41 -21.34 -0.45 -5.62
CA PHE A 41 -21.64 0.95 -5.34
C PHE A 41 -22.41 1.61 -6.49
N ASP A 42 -23.45 2.36 -6.15
CA ASP A 42 -24.34 2.97 -7.15
C ASP A 42 -24.22 4.50 -7.13
N LEU A 43 -23.43 5.04 -8.07
CA LEU A 43 -23.19 6.47 -8.14
C LEU A 43 -24.49 7.21 -8.50
N PHE A 44 -25.38 6.54 -9.22
CA PHE A 44 -26.65 7.17 -9.58
C PHE A 44 -27.49 7.32 -8.33
N ARG A 45 -27.55 6.28 -7.49
CA ARG A 45 -28.26 6.41 -6.21
C ARG A 45 -27.64 7.51 -5.34
N ALA A 46 -26.30 7.58 -5.32
CA ALA A 46 -25.60 8.65 -4.59
C ALA A 46 -26.00 10.06 -5.06
N ARG A 47 -26.10 10.25 -6.36
CA ARG A 47 -26.50 11.54 -6.94
C ARG A 47 -27.94 11.93 -6.58
N GLU A 48 -28.83 10.95 -6.55
CA GLU A 48 -30.22 11.24 -6.21
C GLU A 48 -30.44 11.44 -4.72
N SER A 49 -29.44 11.06 -3.92
CA SER A 49 -29.60 11.03 -2.47
C SER A 49 -29.67 12.41 -1.83
N THR A 50 -29.14 13.44 -2.51
CA THR A 50 -29.21 14.81 -2.02
C THR A 50 -29.47 15.77 -3.17
N ASP A 51 -29.74 17.03 -2.84
CA ASP A 51 -29.88 18.06 -3.87
C ASP A 51 -28.54 18.72 -4.22
N LYS A 52 -27.42 18.16 -3.73
CA LYS A 52 -26.10 18.67 -4.12
C LYS A 52 -25.21 17.56 -4.67
N PRO A 53 -25.63 16.96 -5.79
CA PRO A 53 -24.91 15.79 -6.33
C PRO A 53 -23.45 16.11 -6.74
N LEU A 54 -23.16 17.35 -7.14
CA LEU A 54 -21.77 17.68 -7.46
C LEU A 54 -20.87 17.64 -6.22
N ASP A 55 -21.44 17.96 -5.06
CA ASP A 55 -20.72 17.89 -3.80
C ASP A 55 -20.56 16.46 -3.33
N VAL A 56 -21.64 15.68 -3.46
CA VAL A 56 -21.59 14.25 -3.13
C VAL A 56 -20.55 13.55 -4.01
N ALA A 57 -20.51 13.89 -5.31
CA ALA A 57 -19.53 13.26 -6.20
C ALA A 57 -18.11 13.62 -5.77
N ALA A 58 -17.88 14.89 -5.46
CA ALA A 58 -16.56 15.32 -5.00
C ALA A 58 -16.17 14.61 -3.69
N ALA A 59 -17.12 14.46 -2.79
CA ALA A 59 -16.85 13.79 -1.50
C ALA A 59 -16.46 12.32 -1.70
N ILE A 60 -17.08 11.70 -2.70
CA ILE A 60 -16.80 10.32 -3.06
C ILE A 60 -15.36 10.16 -3.53
N ALA A 61 -14.95 11.01 -4.48
CA ALA A 61 -13.56 11.08 -4.93
C ALA A 61 -12.59 11.33 -3.76
N TYR A 62 -12.92 12.30 -2.93
CA TYR A 62 -12.12 12.61 -1.75
C TYR A 62 -11.97 11.42 -0.78
N ARG A 63 -13.08 10.75 -0.49
CA ARG A 63 -13.05 9.62 0.43
C ARG A 63 -12.26 8.46 -0.16
N LEU A 64 -12.38 8.25 -1.47
CA LEU A 64 -11.62 7.21 -2.15
C LEU A 64 -10.11 7.44 -2.07
N LEU A 65 -9.67 8.66 -2.39
CA LEU A 65 -8.25 8.98 -2.35
C LEU A 65 -7.68 8.89 -0.93
N LEU A 66 -8.35 9.49 0.05
CA LEU A 66 -7.89 9.43 1.45
C LEU A 66 -7.93 8.02 2.00
N GLY A 67 -8.99 7.29 1.65
CA GLY A 67 -9.20 5.92 2.12
C GLY A 67 -8.08 5.01 1.64
N SER A 68 -7.50 5.34 0.48
CA SER A 68 -6.39 4.57 -0.08
C SER A 68 -5.11 4.71 0.74
N GLY A 69 -5.00 5.77 1.53
CA GLY A 69 -3.80 6.05 2.31
C GLY A 69 -2.64 6.62 1.49
N LEU A 70 -2.86 6.82 0.19
CA LEU A 70 -1.77 7.19 -0.71
C LEU A 70 -1.38 8.68 -0.64
N PRO A 71 -2.34 9.62 -0.66
CA PRO A 71 -1.91 11.03 -0.68
C PRO A 71 -1.05 11.39 0.52
N GLN A 72 -1.41 10.89 1.70
CA GLN A 72 -0.64 11.13 2.91
C GLN A 72 0.82 10.72 2.70
N LYS A 73 1.05 9.57 2.08
CA LYS A 73 2.43 9.06 1.92
C LYS A 73 3.26 9.86 0.97
N PHE A 74 2.62 10.59 0.06
CA PHE A 74 3.37 11.31 -0.96
C PHE A 74 3.32 12.81 -0.73
N GLY A 75 3.05 13.19 0.51
CA GLY A 75 3.12 14.60 0.90
C GLY A 75 2.02 15.46 0.31
N CYS A 76 0.88 14.85 0.03
CA CYS A 76 -0.28 15.60 -0.45
C CYS A 76 -1.25 15.82 0.71
N SER A 77 -1.40 17.06 1.16
CA SER A 77 -2.31 17.36 2.27
C SER A 77 -3.77 17.11 1.90
N ASP A 78 -4.62 16.97 2.92
CA ASP A 78 -6.06 16.83 2.71
C ASP A 78 -6.58 18.01 1.88
N GLU A 79 -6.12 19.20 2.21
CA GLU A 79 -6.65 20.41 1.59
C GLU A 79 -6.25 20.54 0.11
N VAL A 80 -4.99 20.22 -0.19
CA VAL A 80 -4.51 20.26 -1.57
C VAL A 80 -5.26 19.21 -2.42
N LEU A 81 -5.48 18.04 -1.84
CA LEU A 81 -6.26 17.01 -2.51
C LEU A 81 -7.67 17.54 -2.82
N LEU A 82 -8.32 18.15 -1.83
CA LEU A 82 -9.70 18.59 -2.06
C LEU A 82 -9.74 19.76 -3.06
N ASN A 83 -8.76 20.66 -2.98
CA ASN A 83 -8.64 21.73 -3.95
C ASN A 83 -8.51 21.18 -5.37
N PHE A 84 -7.66 20.16 -5.51
CA PHE A 84 -7.45 19.51 -6.78
C PHE A 84 -8.75 18.94 -7.33
N ILE A 85 -9.48 18.23 -6.47
CA ILE A 85 -10.73 17.60 -6.91
C ILE A 85 -11.71 18.69 -7.38
N LEU A 86 -11.75 19.81 -6.67
CA LEU A 86 -12.67 20.92 -7.01
C LEU A 86 -12.24 21.68 -8.27
N GLN A 87 -10.94 21.84 -8.47
CA GLN A 87 -10.45 22.44 -9.72
C GLN A 87 -10.79 21.55 -10.91
N CYS A 88 -10.68 20.23 -10.75
CA CYS A 88 -11.11 19.31 -11.79
C CYS A 88 -12.60 19.49 -12.09
N ARG A 89 -13.41 19.44 -11.03
CA ARG A 89 -14.87 19.54 -11.17
C ARG A 89 -15.29 20.78 -11.98
N LYS A 90 -14.66 21.92 -11.69
CA LYS A 90 -14.94 23.16 -12.42
C LYS A 90 -14.72 23.04 -13.93
N LYS A 91 -13.83 22.15 -14.36
CA LYS A 91 -13.52 22.04 -15.78
C LYS A 91 -14.28 20.93 -16.51
N TYR A 92 -15.27 20.32 -15.85
CA TYR A 92 -16.18 19.42 -16.54
C TYR A 92 -17.43 20.19 -16.97
N ARG A 93 -17.96 19.84 -18.13
CA ARG A 93 -19.14 20.54 -18.63
C ARG A 93 -20.41 19.77 -18.36
N ASN A 94 -21.53 20.44 -18.56
CA ASN A 94 -22.84 19.86 -18.40
C ASN A 94 -23.27 19.03 -19.62
N VAL A 95 -22.44 18.10 -20.04
CA VAL A 95 -22.81 17.20 -21.14
C VAL A 95 -23.41 15.91 -20.55
N PRO A 96 -24.12 15.13 -21.38
CA PRO A 96 -24.84 13.98 -20.80
C PRO A 96 -23.94 12.89 -20.22
N TYR A 97 -22.75 12.70 -20.78
CA TYR A 97 -21.95 11.54 -20.35
C TYR A 97 -20.57 11.93 -19.87
N HIS A 98 -19.80 12.64 -20.69
CA HIS A 98 -18.43 12.97 -20.31
C HIS A 98 -18.37 14.17 -19.35
N ASN A 99 -19.02 14.01 -18.21
CA ASN A 99 -19.09 15.03 -17.16
C ASN A 99 -18.34 14.58 -15.90
N PHE A 100 -18.47 15.36 -14.82
CA PHE A 100 -17.73 15.05 -13.60
C PHE A 100 -18.12 13.68 -13.04
N TYR A 101 -19.36 13.26 -13.27
CA TYR A 101 -19.81 12.00 -12.69
C TYR A 101 -19.13 10.84 -13.36
N HIS A 102 -18.86 10.93 -14.67
CA HIS A 102 -18.11 9.90 -15.37
C HIS A 102 -16.70 9.74 -14.79
N VAL A 103 -15.99 10.84 -14.56
CA VAL A 103 -14.61 10.65 -14.10
C VAL A 103 -14.57 10.23 -12.60
N VAL A 104 -15.55 10.62 -11.81
CA VAL A 104 -15.60 10.14 -10.42
C VAL A 104 -15.91 8.65 -10.46
N ASP A 105 -16.80 8.27 -11.37
CA ASP A 105 -17.08 6.85 -11.60
C ASP A 105 -15.82 6.10 -12.00
N VAL A 106 -15.04 6.68 -12.90
CA VAL A 106 -13.86 5.95 -13.36
C VAL A 106 -12.89 5.80 -12.18
N CYS A 107 -12.80 6.83 -11.35
CA CYS A 107 -11.93 6.83 -10.17
C CYS A 107 -12.34 5.71 -9.20
N GLN A 108 -13.64 5.66 -8.89
CA GLN A 108 -14.20 4.63 -8.01
C GLN A 108 -13.96 3.23 -8.58
N THR A 109 -14.14 3.09 -9.90
CA THR A 109 -14.04 1.80 -10.54
C THR A 109 -12.60 1.30 -10.50
N ILE A 110 -11.67 2.22 -10.80
CA ILE A 110 -10.27 1.86 -10.77
C ILE A 110 -9.86 1.46 -9.34
N HIS A 111 -10.41 2.15 -8.34
CA HIS A 111 -10.15 1.77 -6.96
C HIS A 111 -10.58 0.31 -6.75
N THR A 112 -11.75 -0.10 -7.25
CA THR A 112 -12.15 -1.50 -7.08
C THR A 112 -11.21 -2.46 -7.85
N PHE A 113 -10.75 -2.08 -9.04
CA PHE A 113 -9.84 -2.94 -9.80
C PHE A 113 -8.52 -3.08 -9.01
N LEU A 114 -8.00 -1.97 -8.51
CA LEU A 114 -6.77 -2.04 -7.71
C LEU A 114 -6.92 -2.88 -6.43
N TYR A 115 -7.98 -2.62 -5.67
CA TYR A 115 -8.05 -3.15 -4.31
C TYR A 115 -8.98 -4.35 -4.14
N ARG A 116 -10.11 -4.37 -4.85
CA ARG A 116 -10.93 -5.58 -4.84
C ARG A 116 -10.38 -6.58 -5.83
N GLY A 117 -9.83 -6.10 -6.93
CA GLY A 117 -9.31 -6.99 -7.95
C GLY A 117 -7.83 -7.30 -7.75
N ASN A 118 -7.27 -6.75 -6.67
CA ASN A 118 -5.84 -6.95 -6.28
C ASN A 118 -4.82 -6.54 -7.34
N VAL A 119 -5.21 -5.66 -8.27
CA VAL A 119 -4.25 -5.19 -9.27
C VAL A 119 -3.17 -4.31 -8.58
N TYR A 120 -3.44 -3.77 -7.38
CA TYR A 120 -2.41 -2.97 -6.67
C TYR A 120 -1.11 -3.78 -6.49
N GLU A 121 -1.22 -5.11 -6.45
CA GLU A 121 -0.03 -5.95 -6.24
C GLU A 121 0.97 -5.82 -7.37
N LYS A 122 0.49 -5.44 -8.55
CA LYS A 122 1.33 -5.34 -9.76
C LYS A 122 2.02 -3.99 -9.93
N LEU A 123 1.66 -3.04 -9.07
CA LEU A 123 2.03 -1.63 -9.26
C LEU A 123 2.69 -1.07 -8.01
N THR A 124 3.48 -0.02 -8.17
CA THR A 124 3.99 0.66 -6.96
C THR A 124 2.88 1.48 -6.31
N GLU A 125 3.07 1.86 -5.05
CA GLU A 125 2.11 2.77 -4.42
C GLU A 125 1.95 4.10 -5.21
N LEU A 126 3.07 4.66 -5.66
CA LEU A 126 3.00 5.90 -6.47
C LEU A 126 2.17 5.70 -7.73
N GLU A 127 2.33 4.57 -8.39
CA GLU A 127 1.56 4.31 -9.62
C GLU A 127 0.07 4.20 -9.31
N CYS A 128 -0.28 3.59 -8.17
CA CYS A 128 -1.68 3.52 -7.77
C CYS A 128 -2.23 4.92 -7.51
N PHE A 129 -1.44 5.76 -6.82
CA PHE A 129 -1.85 7.13 -6.53
C PHE A 129 -2.06 7.88 -7.86
N VAL A 130 -1.10 7.75 -8.76
CA VAL A 130 -1.22 8.42 -10.05
C VAL A 130 -2.48 7.97 -10.82
N LEU A 131 -2.81 6.68 -10.76
CA LEU A 131 -4.00 6.18 -11.48
C LEU A 131 -5.29 6.80 -10.93
N LEU A 132 -5.39 6.89 -9.60
CA LEU A 132 -6.60 7.44 -9.00
C LEU A 132 -6.70 8.93 -9.28
N ILE A 133 -5.58 9.63 -9.27
CA ILE A 133 -5.58 11.05 -9.63
C ILE A 133 -5.93 11.22 -11.12
N THR A 134 -5.28 10.41 -11.97
CA THR A 134 -5.45 10.53 -13.42
C THR A 134 -6.90 10.26 -13.86
N ALA A 135 -7.59 9.32 -13.18
CA ALA A 135 -9.03 9.16 -13.43
C ALA A 135 -9.80 10.51 -13.43
N LEU A 136 -9.47 11.38 -12.48
CA LEU A 136 -10.22 12.61 -12.33
C LEU A 136 -9.86 13.65 -13.39
N VAL A 137 -8.68 13.57 -14.01
CA VAL A 137 -8.31 14.53 -15.08
C VAL A 137 -8.56 14.04 -16.51
N HIS A 138 -8.86 12.75 -16.68
CA HIS A 138 -8.65 12.14 -17.99
C HIS A 138 -9.64 12.61 -19.08
N ASP A 139 -10.70 13.33 -18.72
CA ASP A 139 -11.64 13.85 -19.72
C ASP A 139 -11.89 15.36 -19.59
N LEU A 140 -10.97 16.08 -18.96
CA LEU A 140 -11.20 17.50 -18.63
C LEU A 140 -11.71 18.32 -19.82
N ASP A 141 -12.81 19.06 -19.57
CA ASP A 141 -13.40 19.99 -20.55
C ASP A 141 -13.87 19.27 -21.82
N HIS A 142 -14.23 18.00 -21.69
CA HIS A 142 -14.92 17.30 -22.78
C HIS A 142 -16.22 18.06 -23.17
N MET A 143 -16.43 18.28 -24.47
CA MET A 143 -17.61 19.02 -24.90
C MET A 143 -18.70 18.12 -25.46
N GLY A 144 -18.50 16.81 -25.36
CA GLY A 144 -19.47 15.86 -25.85
C GLY A 144 -19.33 15.58 -27.35
N LEU A 145 -18.19 15.94 -27.92
CA LEU A 145 -17.88 15.63 -29.31
C LEU A 145 -16.61 14.80 -29.36
N ASN A 146 -16.57 13.78 -30.22
CA ASN A 146 -15.37 12.93 -30.27
C ASN A 146 -14.31 13.48 -31.23
N ASN A 147 -13.12 12.86 -31.22
CA ASN A 147 -12.03 13.31 -32.09
C ASN A 147 -12.41 13.38 -33.55
N SER A 148 -13.16 12.38 -34.02
CA SER A 148 -13.63 12.38 -35.40
C SER A 148 -14.43 13.65 -35.77
N PHE A 149 -15.24 14.15 -34.85
CA PHE A 149 -16.00 15.36 -35.16
C PHE A 149 -15.09 16.54 -35.46
N TYR A 150 -14.08 16.73 -34.61
CA TYR A 150 -13.14 17.84 -34.80
C TYR A 150 -12.34 17.70 -36.10
N LEU A 151 -11.97 16.47 -36.44
CA LEU A 151 -11.27 16.20 -37.70
C LEU A 151 -12.21 16.34 -38.93
N LYS A 152 -13.38 15.72 -38.89
CA LYS A 152 -14.38 15.85 -39.97
C LYS A 152 -14.69 17.31 -40.34
N THR A 153 -14.84 18.14 -39.31
CA THR A 153 -15.27 19.52 -39.47
C THR A 153 -14.12 20.50 -39.65
N GLU A 154 -12.90 19.99 -39.60
CA GLU A 154 -11.69 20.81 -39.53
C GLU A 154 -11.85 21.92 -38.51
N SER A 155 -12.34 21.57 -37.33
CA SER A 155 -12.56 22.53 -36.26
C SER A 155 -11.23 23.19 -35.95
N PRO A 156 -11.26 24.52 -35.70
CA PRO A 156 -10.01 25.19 -35.32
C PRO A 156 -9.38 24.48 -34.15
N LEU A 157 -10.26 23.94 -33.30
CA LEU A 157 -9.88 23.31 -32.05
C LEU A 157 -9.16 21.96 -32.23
N GLY A 158 -8.95 21.52 -33.48
CA GLY A 158 -8.17 20.31 -33.75
C GLY A 158 -7.24 20.37 -34.97
N ILE A 159 -7.12 21.56 -35.54
CA ILE A 159 -6.14 21.82 -36.59
C ILE A 159 -4.74 21.73 -36.01
N LEU A 160 -4.61 22.16 -34.75
CA LEU A 160 -3.31 22.19 -34.10
C LEU A 160 -2.76 20.77 -33.96
N SER A 161 -3.62 19.85 -33.53
CA SER A 161 -3.23 18.47 -33.31
C SER A 161 -2.65 17.82 -34.57
N SER A 162 -3.38 17.89 -35.68
CA SER A 162 -2.91 17.26 -36.90
C SER A 162 -1.64 17.93 -37.41
N ALA A 163 -1.55 19.25 -37.22
CA ALA A 163 -0.37 19.99 -37.68
C ALA A 163 0.87 19.62 -36.87
N SER A 164 0.69 19.16 -35.64
CA SER A 164 1.84 18.86 -34.79
C SER A 164 2.00 17.35 -34.55
N GLY A 165 1.42 16.54 -35.43
CA GLY A 165 1.70 15.11 -35.41
C GLY A 165 1.00 14.26 -34.36
N ASN A 166 -0.29 14.50 -34.13
CA ASN A 166 -1.10 13.62 -33.28
CA ASN A 166 -1.09 13.64 -33.24
C ASN A 166 -2.57 13.80 -33.57
N THR A 167 -3.30 12.70 -33.63
CA THR A 167 -4.73 12.76 -33.91
C THR A 167 -5.59 12.71 -32.63
N SER A 168 -4.94 12.68 -31.48
CA SER A 168 -5.68 12.58 -30.23
C SER A 168 -6.06 13.96 -29.71
N VAL A 169 -6.97 14.62 -30.42
CA VAL A 169 -7.29 16.02 -30.17
C VAL A 169 -7.77 16.27 -28.76
N LEU A 170 -8.77 15.49 -28.36
CA LEU A 170 -9.31 15.59 -27.00
C LEU A 170 -8.27 15.27 -25.93
N GLU A 171 -7.55 14.17 -26.12
CA GLU A 171 -6.71 13.66 -25.04
C GLU A 171 -5.52 14.61 -24.78
N VAL A 172 -5.00 15.22 -25.85
CA VAL A 172 -3.95 16.22 -25.67
C VAL A 172 -4.53 17.41 -24.91
N HIS A 173 -5.76 17.77 -25.23
CA HIS A 173 -6.46 18.86 -24.56
C HIS A 173 -6.64 18.55 -23.06
N HIS A 174 -7.08 17.31 -22.73
CA HIS A 174 -7.23 16.95 -21.32
C HIS A 174 -5.88 17.08 -20.59
N CYS A 175 -4.80 16.63 -21.23
CA CYS A 175 -3.48 16.68 -20.59
C CYS A 175 -3.05 18.14 -20.34
N ASN A 176 -3.25 19.01 -21.33
CA ASN A 176 -2.95 20.43 -21.18
C ASN A 176 -3.58 20.98 -19.91
N LEU A 177 -4.85 20.66 -19.73
CA LEU A 177 -5.60 21.21 -18.63
C LEU A 177 -5.17 20.58 -17.29
N ALA A 178 -4.80 19.30 -17.32
CA ALA A 178 -4.33 18.64 -16.09
C ALA A 178 -3.06 19.32 -15.61
N VAL A 179 -2.18 19.60 -16.56
CA VAL A 179 -0.93 20.25 -16.27
C VAL A 179 -1.18 21.65 -15.71
N GLU A 180 -2.17 22.32 -16.29
CA GLU A 180 -2.57 23.64 -15.83
C GLU A 180 -3.01 23.59 -14.36
N ILE A 181 -3.90 22.65 -14.03
CA ILE A 181 -4.38 22.52 -12.66
C ILE A 181 -3.24 22.24 -11.68
N LEU A 182 -2.34 21.35 -12.10
CA LEU A 182 -1.26 20.93 -11.23
C LEU A 182 -0.18 22.00 -11.08
N SER A 183 -0.26 23.06 -11.90
CA SER A 183 0.80 24.07 -11.86
C SER A 183 0.55 25.04 -10.70
N ASP A 184 -0.62 24.94 -10.10
CA ASP A 184 -0.97 25.72 -8.93
C ASP A 184 -0.61 24.92 -7.69
N PRO A 185 0.33 25.41 -6.88
CA PRO A 185 0.76 24.70 -5.66
C PRO A 185 -0.43 24.33 -4.77
N GLU A 186 -1.49 25.13 -4.83
CA GLU A 186 -2.68 24.89 -4.00
C GLU A 186 -3.45 23.65 -4.43
N SER A 187 -3.25 23.22 -5.68
CA SER A 187 -3.90 22.01 -6.15
C SER A 187 -2.91 21.02 -6.76
N ASP A 188 -1.61 21.20 -6.50
CA ASP A 188 -0.64 20.27 -7.04
C ASP A 188 -0.53 19.02 -6.16
N VAL A 189 -1.25 17.96 -6.52
CA VAL A 189 -1.25 16.73 -5.73
C VAL A 189 0.08 15.99 -5.83
N PHE A 190 0.91 16.42 -6.78
CA PHE A 190 2.25 15.86 -6.92
C PHE A 190 3.32 16.78 -6.33
N GLY A 191 2.88 17.82 -5.61
CA GLY A 191 3.77 18.84 -5.08
C GLY A 191 4.71 18.32 -3.99
N GLY A 192 4.34 17.20 -3.39
CA GLY A 192 5.17 16.57 -2.37
C GLY A 192 6.18 15.56 -2.92
N LEU A 193 6.21 15.44 -4.25
CA LEU A 193 7.19 14.57 -4.92
C LEU A 193 8.39 15.34 -5.44
N GLU A 194 9.49 14.63 -5.70
CA GLU A 194 10.71 15.28 -6.18
C GLU A 194 11.42 14.37 -7.15
N GLY A 195 12.25 14.95 -8.00
CA GLY A 195 13.14 14.19 -8.85
C GLY A 195 12.44 13.18 -9.72
N ALA A 196 12.95 11.94 -9.72
CA ALA A 196 12.42 10.91 -10.60
C ALA A 196 10.96 10.57 -10.30
N GLU A 197 10.52 10.70 -9.05
CA GLU A 197 9.12 10.41 -8.71
C GLU A 197 8.15 11.43 -9.28
N ARG A 198 8.46 12.71 -9.13
CA ARG A 198 7.62 13.74 -9.71
C ARG A 198 7.58 13.58 -11.24
N THR A 199 8.72 13.28 -11.83
CA THR A 199 8.81 13.09 -13.28
C THR A 199 7.98 11.91 -13.70
N LEU A 200 8.07 10.81 -12.95
CA LEU A 200 7.29 9.63 -13.31
C LEU A 200 5.79 9.90 -13.17
N ALA A 201 5.40 10.69 -12.16
CA ALA A 201 3.97 10.94 -11.97
C ALA A 201 3.41 11.66 -13.18
N PHE A 202 4.09 12.73 -13.61
CA PHE A 202 3.63 13.46 -14.79
C PHE A 202 3.69 12.62 -16.04
N ARG A 203 4.80 11.92 -16.26
CA ARG A 203 4.90 11.12 -17.47
C ARG A 203 3.85 10.00 -17.51
N SER A 204 3.65 9.29 -16.39
CA SER A 204 2.69 8.20 -16.42
C SER A 204 1.26 8.74 -16.55
N MET A 205 0.95 9.86 -15.87
CA MET A 205 -0.39 10.47 -16.02
C MET A 205 -0.70 10.78 -17.49
N ILE A 206 0.24 11.42 -18.16
CA ILE A 206 0.07 11.84 -19.54
C ILE A 206 -0.01 10.62 -20.49
N ASP A 207 0.88 9.64 -20.30
CA ASP A 207 0.82 8.39 -21.06
C ASP A 207 -0.53 7.74 -20.92
N CYS A 208 -1.04 7.67 -19.70
CA CYS A 208 -2.35 7.06 -19.46
C CYS A 208 -3.47 7.84 -20.14
N VAL A 209 -3.50 9.16 -19.96
CA VAL A 209 -4.57 9.91 -20.62
C VAL A 209 -4.53 9.75 -22.16
N LEU A 210 -3.34 9.86 -22.73
CA LEU A 210 -3.19 9.70 -24.20
C LEU A 210 -3.64 8.31 -24.64
N ALA A 211 -3.45 7.33 -23.77
CA ALA A 211 -3.84 5.97 -24.10
C ALA A 211 -5.35 5.74 -24.05
N THR A 212 -6.15 6.71 -23.59
CA THR A 212 -7.60 6.52 -23.56
C THR A 212 -8.27 6.79 -24.91
N ASP A 213 -7.54 7.35 -25.86
CA ASP A 213 -8.05 7.52 -27.23
C ASP A 213 -8.36 6.13 -27.81
N MET A 214 -9.62 5.85 -28.12
CA MET A 214 -9.99 4.52 -28.62
C MET A 214 -9.40 4.19 -30.00
N ALA A 215 -8.84 5.18 -30.67
CA ALA A 215 -8.09 4.93 -31.90
C ALA A 215 -6.80 4.18 -31.61
N LYS A 216 -6.39 4.18 -30.35
CA LYS A 216 -5.20 3.46 -29.91
C LYS A 216 -5.56 2.18 -29.15
N HIS A 217 -6.84 1.82 -29.16
CA HIS A 217 -7.33 0.73 -28.31
C HIS A 217 -6.69 -0.61 -28.65
N GLY A 218 -6.65 -0.94 -29.93
CA GLY A 218 -6.14 -2.22 -30.35
C GLY A 218 -4.67 -2.38 -30.05
N SER A 219 -3.88 -1.36 -30.38
CA SER A 219 -2.45 -1.40 -30.09
C SER A 219 -2.18 -1.36 -28.59
N ALA A 220 -2.99 -0.60 -27.84
CA ALA A 220 -2.86 -0.57 -26.39
C ALA A 220 -3.04 -1.97 -25.82
N LEU A 221 -4.17 -2.60 -26.11
CA LEU A 221 -4.45 -3.94 -25.60
C LEU A 221 -3.35 -4.90 -25.99
N GLU A 222 -2.94 -4.86 -27.24
CA GLU A 222 -1.97 -5.84 -27.70
C GLU A 222 -0.59 -5.60 -27.09
N ALA A 223 -0.23 -4.34 -26.81
CA ALA A 223 1.04 -4.05 -26.12
C ALA A 223 1.00 -4.49 -24.64
N PHE A 224 -0.17 -4.42 -24.03
CA PHE A 224 -0.30 -4.91 -22.67
C PHE A 224 -0.13 -6.42 -22.65
N LEU A 225 -0.85 -7.11 -23.52
CA LEU A 225 -0.80 -8.57 -23.53
C LEU A 225 0.61 -9.07 -23.80
N ALA A 226 1.35 -8.38 -24.66
CA ALA A 226 2.73 -8.75 -24.92
C ALA A 226 3.59 -8.60 -23.67
N SER A 227 3.47 -7.46 -22.97
CA SER A 227 4.32 -7.23 -21.79
C SER A 227 3.94 -8.16 -20.64
N ALA A 228 2.67 -8.57 -20.59
CA ALA A 228 2.20 -9.47 -19.52
C ALA A 228 2.73 -10.88 -19.75
N ALA A 229 2.79 -11.30 -21.01
CA ALA A 229 3.29 -12.61 -21.36
C ALA A 229 4.77 -12.77 -21.01
N ASP A 230 5.45 -11.64 -20.78
CA ASP A 230 6.87 -11.65 -20.44
C ASP A 230 7.26 -10.43 -19.60
N GLN A 231 6.85 -10.44 -18.33
CA GLN A 231 7.02 -9.29 -17.44
C GLN A 231 8.47 -9.09 -16.98
N SER A 232 9.18 -10.20 -16.82
CA SER A 232 10.55 -10.17 -16.31
C SER A 232 11.51 -9.47 -17.26
N SER A 233 11.30 -9.64 -18.56
CA SER A 233 12.19 -9.06 -19.57
C SER A 233 12.22 -7.52 -19.53
N ASP A 234 11.11 -6.90 -19.16
CA ASP A 234 11.03 -5.43 -19.08
C ASP A 234 9.95 -5.00 -18.11
N GLU A 235 10.30 -4.91 -16.83
CA GLU A 235 9.35 -4.59 -15.77
C GLU A 235 8.76 -3.23 -15.95
N ALA A 236 9.60 -2.25 -16.28
CA ALA A 236 9.14 -0.88 -16.46
C ALA A 236 8.02 -0.79 -17.49
N ALA A 237 8.18 -1.52 -18.58
CA ALA A 237 7.18 -1.49 -19.64
C ALA A 237 5.87 -2.11 -19.15
N PHE A 238 5.97 -3.23 -18.44
CA PHE A 238 4.78 -3.90 -17.92
C PHE A 238 4.04 -2.98 -16.93
N HIS A 239 4.76 -2.30 -16.04
CA HIS A 239 4.14 -1.34 -15.12
C HIS A 239 3.39 -0.24 -15.87
N ARG A 240 4.05 0.37 -16.86
CA ARG A 240 3.42 1.48 -17.59
C ARG A 240 2.20 0.98 -18.36
N MET A 241 2.30 -0.17 -19.02
CA MET A 241 1.16 -0.72 -19.78
C MET A 241 0.01 -1.15 -18.88
N THR A 242 0.32 -1.66 -17.70
CA THR A 242 -0.71 -2.03 -16.74
C THR A 242 -1.50 -0.79 -16.31
N MET A 243 -0.79 0.32 -16.07
CA MET A 243 -1.47 1.57 -15.76
C MET A 243 -2.37 1.99 -16.94
N GLU A 244 -1.86 1.92 -18.16
CA GLU A 244 -2.66 2.34 -19.31
C GLU A 244 -3.92 1.46 -19.44
N ILE A 245 -3.74 0.17 -19.27
CA ILE A 245 -4.85 -0.77 -19.46
C ILE A 245 -5.88 -0.63 -18.32
N ILE A 246 -5.43 -0.28 -17.12
CA ILE A 246 -6.39 -0.11 -16.01
C ILE A 246 -7.19 1.19 -16.15
N LEU A 247 -6.56 2.27 -16.60
CA LEU A 247 -7.34 3.46 -16.91
C LEU A 247 -8.29 3.18 -18.09
N LYS A 248 -7.82 2.50 -19.13
CA LYS A 248 -8.73 2.10 -20.22
C LYS A 248 -9.87 1.22 -19.67
N ALA A 249 -9.54 0.29 -18.77
CA ALA A 249 -10.56 -0.61 -18.24
C ALA A 249 -11.61 0.18 -17.48
N GLY A 250 -11.17 1.14 -16.67
CA GLY A 250 -12.11 1.96 -15.93
C GLY A 250 -13.02 2.73 -16.86
N ASP A 251 -12.41 3.25 -17.92
CA ASP A 251 -13.12 4.05 -18.93
C ASP A 251 -14.21 3.24 -19.65
N ILE A 252 -13.96 1.95 -19.92
CA ILE A 252 -14.99 1.14 -20.57
C ILE A 252 -15.73 0.19 -19.63
N SER A 253 -15.74 0.52 -18.33
CA SER A 253 -16.28 -0.38 -17.32
C SER A 253 -17.80 -0.33 -17.15
N ASN A 254 -18.51 0.55 -17.87
CA ASN A 254 -19.96 0.68 -17.62
C ASN A 254 -20.70 -0.64 -17.74
N VAL A 255 -20.28 -1.46 -18.70
CA VAL A 255 -20.92 -2.75 -18.97
C VAL A 255 -20.54 -3.79 -17.92
N THR A 256 -19.64 -3.46 -17.00
CA THR A 256 -19.30 -4.44 -15.95
C THR A 256 -20.09 -4.21 -14.65
N LYS A 257 -21.01 -3.24 -14.66
CA LYS A 257 -21.71 -2.87 -13.42
C LYS A 257 -23.05 -3.60 -13.30
N PRO A 258 -23.63 -3.62 -12.08
CA PRO A 258 -24.99 -4.17 -11.96
C PRO A 258 -25.90 -3.57 -13.02
N PHE A 259 -26.82 -4.37 -13.55
CA PHE A 259 -27.53 -4.01 -14.78
C PHE A 259 -28.20 -2.63 -14.76
N ASP A 260 -28.92 -2.33 -13.68
CA ASP A 260 -29.63 -1.05 -13.58
C ASP A 260 -28.67 0.15 -13.65
N ILE A 261 -27.47 -0.02 -13.10
CA ILE A 261 -26.43 1.02 -13.22
C ILE A 261 -25.90 1.07 -14.66
N SER A 262 -25.58 -0.09 -15.19
CA SER A 262 -25.10 -0.20 -16.57
C SER A 262 -26.08 0.46 -17.57
N ARG A 263 -27.37 0.22 -17.38
CA ARG A 263 -28.41 0.73 -18.27
C ARG A 263 -28.47 2.27 -18.22
N GLN A 264 -28.33 2.83 -17.02
CA GLN A 264 -28.33 4.28 -16.89
C GLN A 264 -27.12 4.95 -17.56
N TRP A 265 -25.93 4.33 -17.48
CA TRP A 265 -24.78 4.81 -18.23
C TRP A 265 -25.02 4.75 -19.73
N ALA A 266 -25.61 3.65 -20.20
CA ALA A 266 -25.89 3.47 -21.62
C ALA A 266 -26.85 4.57 -22.14
N MET A 267 -27.86 4.92 -21.33
CA MET A 267 -28.77 6.02 -21.71
C MET A 267 -27.99 7.33 -21.86
N ALA A 268 -27.05 7.57 -20.96
CA ALA A 268 -26.31 8.84 -20.99
C ALA A 268 -25.37 8.92 -22.19
N VAL A 269 -24.61 7.85 -22.44
CA VAL A 269 -23.71 7.83 -23.60
C VAL A 269 -24.48 8.02 -24.88
N THR A 270 -25.62 7.34 -24.97
CA THR A 270 -26.42 7.40 -26.20
C THR A 270 -26.94 8.83 -26.43
N GLU A 271 -27.41 9.51 -25.37
CA GLU A 271 -27.88 10.89 -25.56
C GLU A 271 -26.74 11.80 -26.03
N GLU A 272 -25.56 11.64 -25.45
CA GLU A 272 -24.43 12.45 -25.91
C GLU A 272 -24.07 12.17 -27.37
N PHE A 273 -24.02 10.89 -27.76
CA PHE A 273 -23.79 10.57 -29.17
C PHE A 273 -24.83 11.20 -30.09
N TYR A 274 -26.10 11.09 -29.70
CA TYR A 274 -27.18 11.62 -30.53
C TYR A 274 -27.06 13.13 -30.72
N ARG A 275 -26.59 13.82 -29.68
CA ARG A 275 -26.40 15.26 -29.80
C ARG A 275 -25.27 15.57 -30.79
N GLN A 276 -24.22 14.74 -30.79
CA GLN A 276 -23.19 14.91 -31.82
C GLN A 276 -23.78 14.69 -33.19
N GLY A 277 -24.58 13.63 -33.34
CA GLY A 277 -25.16 13.31 -34.62
C GLY A 277 -26.05 14.45 -35.13
N ASP A 278 -26.82 15.06 -34.22
CA ASP A 278 -27.66 16.18 -34.59
C ASP A 278 -26.83 17.38 -35.08
N MET A 279 -25.68 17.61 -34.46
CA MET A 279 -24.80 18.71 -34.91
C MET A 279 -24.17 18.38 -36.25
N GLU A 280 -23.91 17.11 -36.51
CA GLU A 280 -23.38 16.71 -37.81
C GLU A 280 -24.43 16.92 -38.90
N LYS A 281 -25.69 16.58 -38.62
CA LYS A 281 -26.75 16.85 -39.61
C LYS A 281 -26.86 18.36 -39.87
N GLU A 282 -26.66 19.16 -38.83
CA GLU A 282 -26.78 20.60 -39.03
C GLU A 282 -25.66 21.11 -39.96
N ARG A 283 -24.48 20.50 -39.82
CA ARG A 283 -23.31 20.85 -40.62
C ARG A 283 -23.30 20.20 -41.99
N GLY A 284 -24.21 19.26 -42.22
CA GLY A 284 -24.20 18.49 -43.45
C GLY A 284 -23.11 17.42 -43.55
N VAL A 285 -22.36 17.16 -42.46
CA VAL A 285 -21.34 16.11 -42.51
C VAL A 285 -21.93 14.74 -42.16
N GLU A 286 -21.13 13.70 -42.37
CA GLU A 286 -21.56 12.31 -42.21
C GLU A 286 -22.01 11.95 -40.80
N VAL A 287 -23.15 11.28 -40.68
CA VAL A 287 -23.56 10.73 -39.37
C VAL A 287 -23.53 9.19 -39.33
N LEU A 288 -22.64 8.62 -38.51
CA LEU A 288 -22.65 7.16 -38.37
C LEU A 288 -23.94 6.71 -37.69
N PRO A 289 -24.42 5.49 -38.01
CA PRO A 289 -25.68 5.02 -37.42
C PRO A 289 -25.74 5.09 -35.90
N MET A 290 -24.63 4.83 -35.23
CA MET A 290 -24.55 4.89 -33.77
C MET A 290 -24.86 6.27 -33.20
N PHE A 291 -24.79 7.30 -34.04
CA PHE A 291 -24.95 8.69 -33.62
C PHE A 291 -26.26 9.27 -34.12
N ASP A 292 -27.04 8.44 -34.81
CA ASP A 292 -28.17 8.94 -35.54
C ASP A 292 -29.44 8.76 -34.71
N ARG A 293 -29.90 9.86 -34.12
CA ARG A 293 -31.08 9.87 -33.27
C ARG A 293 -32.29 9.30 -33.99
N SER A 294 -32.36 9.54 -35.30
CA SER A 294 -33.51 9.19 -36.12
C SER A 294 -33.67 7.71 -36.36
N LYS A 295 -32.59 6.95 -36.22
CA LYS A 295 -32.70 5.50 -36.35
C LYS A 295 -33.53 4.93 -35.18
N ASN A 296 -33.64 5.74 -34.11
CA ASN A 296 -34.48 5.42 -32.96
C ASN A 296 -34.10 4.13 -32.25
N MET A 297 -32.89 4.10 -31.69
CA MET A 297 -32.59 3.13 -30.64
C MET A 297 -32.61 1.71 -31.29
N GLU A 298 -32.94 0.58 -30.62
CA GLU A 298 -33.15 0.41 -29.18
C GLU A 298 -31.81 0.32 -28.48
N LEU A 299 -31.83 0.70 -27.21
CA LEU A 299 -30.66 0.73 -26.36
C LEU A 299 -29.93 -0.62 -26.37
N ALA A 300 -30.69 -1.71 -26.22
CA ALA A 300 -30.11 -3.04 -26.07
C ALA A 300 -29.26 -3.46 -27.26
N LYS A 301 -29.65 -3.06 -28.46
CA LYS A 301 -28.92 -3.49 -29.65
C LYS A 301 -27.49 -2.94 -29.60
N GLY A 302 -27.37 -1.65 -29.28
CA GLY A 302 -26.06 -1.02 -29.18
C GLY A 302 -25.19 -1.62 -28.08
N GLN A 303 -25.80 -1.93 -26.94
CA GLN A 303 -25.05 -2.49 -25.84
C GLN A 303 -24.54 -3.90 -26.18
N ILE A 304 -25.43 -4.73 -26.72
CA ILE A 304 -25.04 -6.09 -27.05
C ILE A 304 -23.88 -6.08 -28.04
N GLY A 305 -23.99 -5.22 -29.06
CA GLY A 305 -22.91 -5.03 -30.02
C GLY A 305 -21.60 -4.59 -29.39
N PHE A 306 -21.66 -3.58 -28.52
CA PHE A 306 -20.45 -3.07 -27.89
C PHE A 306 -19.82 -4.15 -27.01
N ILE A 307 -20.67 -4.88 -26.30
CA ILE A 307 -20.22 -6.03 -25.52
C ILE A 307 -19.54 -7.09 -26.40
N ASP A 308 -20.18 -7.48 -27.50
CA ASP A 308 -19.66 -8.58 -28.31
C ASP A 308 -18.34 -8.21 -28.96
N PHE A 309 -18.27 -7.01 -29.52
CA PHE A 309 -17.15 -6.65 -30.36
C PHE A 309 -16.03 -5.93 -29.62
N VAL A 310 -16.33 -5.31 -28.49
CA VAL A 310 -15.30 -4.51 -27.81
C VAL A 310 -15.07 -4.96 -26.36
N ALA A 311 -16.09 -4.84 -25.53
CA ALA A 311 -15.94 -4.95 -24.09
C ALA A 311 -15.70 -6.39 -23.61
N ALA A 312 -16.48 -7.35 -24.12
CA ALA A 312 -16.24 -8.72 -23.67
C ALA A 312 -14.83 -9.21 -24.03
N PRO A 313 -14.37 -9.01 -25.28
CA PRO A 313 -13.02 -9.50 -25.56
C PRO A 313 -11.92 -8.74 -24.78
N PHE A 314 -12.11 -7.46 -24.52
CA PHE A 314 -11.13 -6.69 -23.74
C PHE A 314 -10.98 -7.26 -22.32
N PHE A 315 -12.08 -7.35 -21.58
CA PHE A 315 -11.95 -7.83 -20.20
C PHE A 315 -11.53 -9.28 -20.12
N GLN A 316 -12.02 -10.14 -21.00
CA GLN A 316 -11.62 -11.55 -20.96
CA GLN A 316 -11.62 -11.55 -21.01
C GLN A 316 -10.12 -11.67 -21.22
N LYS A 317 -9.59 -10.93 -22.19
CA LYS A 317 -8.17 -11.03 -22.50
C LYS A 317 -7.26 -10.52 -21.37
N ILE A 318 -7.63 -9.41 -20.74
CA ILE A 318 -6.74 -8.85 -19.71
C ILE A 318 -6.88 -9.69 -18.44
N VAL A 319 -8.07 -10.21 -18.16
CA VAL A 319 -8.23 -11.07 -17.00
C VAL A 319 -7.45 -12.38 -17.18
N ASP A 320 -7.63 -13.05 -18.32
CA ASP A 320 -6.91 -14.32 -18.55
C ASP A 320 -5.40 -14.13 -18.63
N ALA A 321 -4.96 -12.96 -19.10
CA ALA A 321 -3.53 -12.76 -19.32
C ALA A 321 -2.80 -12.52 -18.02
N CYS A 322 -3.47 -11.89 -17.06
CA CYS A 322 -2.75 -11.24 -16.00
C CYS A 322 -3.59 -10.95 -14.77
N LEU A 323 -4.78 -10.41 -15.00
CA LEU A 323 -5.58 -9.74 -13.97
C LEU A 323 -6.69 -10.64 -13.42
N GLN A 324 -6.30 -11.79 -12.89
CA GLN A 324 -7.24 -12.85 -12.46
C GLN A 324 -8.23 -12.34 -11.45
N GLY A 325 -7.81 -11.39 -10.63
CA GLY A 325 -8.67 -10.87 -9.59
C GLY A 325 -9.87 -10.07 -10.12
N MET A 326 -9.85 -9.76 -11.42
CA MET A 326 -10.94 -8.97 -12.01
C MET A 326 -11.93 -9.86 -12.78
N GLN A 327 -11.93 -11.16 -12.48
CA GLN A 327 -12.84 -12.10 -13.13
C GLN A 327 -14.32 -11.66 -13.06
N TRP A 328 -14.72 -11.00 -11.96
CA TRP A 328 -16.11 -10.57 -11.83
C TRP A 328 -16.56 -9.67 -13.00
N THR A 329 -15.64 -8.94 -13.63
CA THR A 329 -16.01 -8.07 -14.75
C THR A 329 -16.52 -8.91 -15.93
N VAL A 330 -15.83 -10.01 -16.21
CA VAL A 330 -16.25 -10.92 -17.26
C VAL A 330 -17.63 -11.54 -16.96
N ASP A 331 -17.78 -12.03 -15.73
CA ASP A 331 -19.05 -12.58 -15.27
C ASP A 331 -20.21 -11.59 -15.43
N ARG A 332 -20.00 -10.33 -15.02
CA ARG A 332 -21.08 -9.35 -15.08
C ARG A 332 -21.43 -8.94 -16.52
N ILE A 333 -20.41 -8.84 -17.37
CA ILE A 333 -20.64 -8.56 -18.78
C ILE A 333 -21.52 -9.64 -19.39
N LYS A 334 -21.23 -10.90 -19.07
CA LYS A 334 -22.02 -12.03 -19.56
C LYS A 334 -23.48 -11.93 -19.11
N SER A 335 -23.63 -11.65 -17.82
CA SER A 335 -24.92 -11.46 -17.20
C SER A 335 -25.71 -10.30 -17.82
N ASN A 336 -25.08 -9.15 -17.97
CA ASN A 336 -25.74 -8.00 -18.57
C ASN A 336 -26.17 -8.25 -20.01
N ARG A 337 -25.33 -8.92 -20.78
CA ARG A 337 -25.67 -9.25 -22.15
C ARG A 337 -26.98 -10.07 -22.19
N ALA A 338 -27.08 -11.07 -21.32
CA ALA A 338 -28.28 -11.90 -21.26
C ALA A 338 -29.52 -11.06 -20.93
N GLN A 339 -29.37 -10.08 -20.05
CA GLN A 339 -30.46 -9.21 -19.65
C GLN A 339 -30.88 -8.28 -20.79
N TRP A 340 -29.91 -7.74 -21.53
CA TRP A 340 -30.22 -6.96 -22.73
C TRP A 340 -30.99 -7.81 -23.75
N GLU A 341 -30.67 -9.09 -23.82
CA GLU A 341 -31.40 -9.97 -24.73
C GLU A 341 -32.86 -10.11 -24.32
N ARG A 342 -33.12 -10.12 -23.01
CA ARG A 342 -34.49 -10.26 -22.52
C ARG A 342 -35.28 -8.97 -22.72
N VAL A 343 -34.57 -7.84 -22.66
CA VAL A 343 -35.19 -6.54 -22.84
C VAL A 343 -35.68 -6.42 -24.27
N LEU A 344 -35.00 -7.12 -25.19
CA LEU A 344 -35.49 -7.24 -26.56
C LEU A 344 -36.74 -8.11 -26.70
N GLU A 345 -37.56 -8.18 -25.64
CA GLU A 345 -38.90 -8.76 -25.66
C GLU A 345 -39.57 -8.62 -24.29
N THR B 16 -7.39 -7.35 31.55
CA THR B 16 -7.72 -6.03 32.10
C THR B 16 -7.78 -4.96 30.99
N ALA B 17 -8.89 -4.25 30.92
CA ALA B 17 -9.13 -3.30 29.83
C ALA B 17 -8.27 -2.04 29.92
N ILE B 18 -7.90 -1.52 28.75
CA ILE B 18 -7.21 -0.24 28.64
C ILE B 18 -8.20 0.89 28.90
N THR B 19 -7.78 1.88 29.68
CA THR B 19 -8.66 3.00 30.03
C THR B 19 -8.53 4.20 29.10
N LYS B 20 -9.49 5.10 29.20
CA LYS B 20 -9.46 6.34 28.43
C LYS B 20 -8.22 7.16 28.80
N VAL B 21 -7.89 7.15 30.09
CA VAL B 21 -6.72 7.88 30.57
C VAL B 21 -5.41 7.33 30.02
N GLU B 22 -5.34 6.02 29.87
CA GLU B 22 -4.12 5.41 29.33
C GLU B 22 -3.96 5.80 27.88
N ARG B 23 -5.06 5.73 27.13
CA ARG B 23 -5.01 6.08 25.70
C ARG B 23 -4.67 7.56 25.51
N GLU B 24 -5.25 8.40 26.35
CA GLU B 24 -5.06 9.83 26.25
C GLU B 24 -3.60 10.22 26.45
N ALA B 25 -2.93 9.56 27.40
CA ALA B 25 -1.52 9.87 27.62
C ALA B 25 -0.65 9.51 26.41
N VAL B 26 -1.09 8.57 25.57
CA VAL B 26 -0.36 8.35 24.33
C VAL B 26 -0.74 9.43 23.32
N LEU B 27 -2.04 9.72 23.23
CA LEU B 27 -2.56 10.61 22.18
C LEU B 27 -2.01 12.04 22.25
N VAL B 28 -1.68 12.51 23.47
CA VAL B 28 -1.14 13.85 23.63
C VAL B 28 0.31 13.99 23.16
N CYS B 29 0.99 12.87 22.90
CA CYS B 29 2.38 12.94 22.43
C CYS B 29 2.45 13.31 20.94
N GLU B 30 2.90 14.52 20.65
CA GLU B 30 2.88 15.02 19.29
C GLU B 30 4.14 14.70 18.50
N LEU B 31 5.21 14.32 19.21
CA LEU B 31 6.49 13.95 18.57
C LEU B 31 7.10 15.04 17.67
N PRO B 32 7.18 16.30 18.15
CA PRO B 32 7.71 17.34 17.27
C PRO B 32 9.17 17.10 16.94
N SER B 33 9.58 17.43 15.71
CA SER B 33 10.96 17.29 15.21
C SER B 33 11.36 15.84 14.88
N PHE B 34 10.41 14.92 14.94
CA PHE B 34 10.71 13.53 14.56
C PHE B 34 10.00 13.13 13.27
N ASP B 35 10.74 12.44 12.39
CA ASP B 35 10.16 11.73 11.26
C ASP B 35 10.26 10.24 11.51
N VAL B 36 9.18 9.60 11.95
CA VAL B 36 9.27 8.19 12.31
C VAL B 36 9.42 7.27 11.10
N THR B 37 9.29 7.81 9.89
CA THR B 37 9.46 7.00 8.68
C THR B 37 10.89 6.96 8.18
N ASP B 38 11.77 7.73 8.83
CA ASP B 38 13.10 7.96 8.30
C ASP B 38 14.11 6.91 8.75
N VAL B 39 15.04 6.53 7.88
CA VAL B 39 15.98 5.49 8.27
C VAL B 39 16.98 5.95 9.33
N GLU B 40 17.11 7.26 9.54
CA GLU B 40 18.00 7.75 10.60
C GLU B 40 17.23 8.21 11.83
N PHE B 41 15.94 7.87 11.89
CA PHE B 41 15.14 8.13 13.07
C PHE B 41 15.89 7.60 14.33
N ASP B 42 15.91 8.40 15.39
CA ASP B 42 16.71 8.09 16.57
C ASP B 42 15.78 7.87 17.76
N LEU B 43 15.52 6.61 18.09
CA LEU B 43 14.60 6.29 19.19
C LEU B 43 15.15 6.70 20.55
N PHE B 44 16.46 6.63 20.71
CA PHE B 44 17.09 7.07 21.96
C PHE B 44 16.87 8.56 22.16
N ARG B 45 16.99 9.35 21.11
CA ARG B 45 16.71 10.77 21.22
C ARG B 45 15.22 11.00 21.51
N ALA B 46 14.34 10.20 20.90
CA ALA B 46 12.90 10.35 21.20
C ALA B 46 12.61 10.03 22.68
N ARG B 47 13.23 8.98 23.21
CA ARG B 47 13.08 8.60 24.62
C ARG B 47 13.53 9.68 25.62
N GLU B 48 14.60 10.40 25.27
CA GLU B 48 15.13 11.43 26.14
C GLU B 48 14.34 12.73 26.03
N SER B 49 13.51 12.85 25.00
CA SER B 49 12.83 14.11 24.69
C SER B 49 11.71 14.48 25.66
N THR B 50 11.14 13.50 26.38
CA THR B 50 10.17 13.82 27.42
C THR B 50 10.45 12.93 28.61
N ASP B 51 9.68 13.11 29.67
CA ASP B 51 9.82 12.27 30.86
C ASP B 51 8.74 11.18 30.87
N LYS B 52 8.12 10.94 29.72
CA LYS B 52 7.24 9.80 29.58
C LYS B 52 7.62 8.95 28.36
N PRO B 53 8.83 8.35 28.34
CA PRO B 53 9.30 7.65 27.13
C PRO B 53 8.46 6.43 26.76
N LEU B 54 7.77 5.82 27.72
CA LEU B 54 6.86 4.72 27.37
C LEU B 54 5.66 5.22 26.53
N ASP B 55 5.16 6.43 26.82
CA ASP B 55 4.06 7.00 26.02
C ASP B 55 4.56 7.46 24.66
N VAL B 56 5.74 8.07 24.63
CA VAL B 56 6.33 8.48 23.39
C VAL B 56 6.57 7.25 22.49
N ALA B 57 7.03 6.15 23.07
CA ALA B 57 7.29 4.96 22.26
C ALA B 57 5.97 4.39 21.71
N ALA B 58 4.93 4.38 22.54
CA ALA B 58 3.61 3.92 22.09
C ALA B 58 3.10 4.82 20.96
N ALA B 59 3.29 6.13 21.08
CA ALA B 59 2.83 7.06 20.04
C ALA B 59 3.57 6.87 18.73
N ILE B 60 4.85 6.49 18.81
CA ILE B 60 5.63 6.18 17.62
C ILE B 60 5.02 4.96 16.92
N ALA B 61 4.75 3.91 17.69
CA ALA B 61 4.10 2.73 17.12
C ALA B 61 2.73 3.06 16.52
N TYR B 62 1.98 3.88 17.22
CA TYR B 62 0.63 4.26 16.77
C TYR B 62 0.70 5.01 15.46
N ARG B 63 1.63 5.95 15.38
CA ARG B 63 1.75 6.79 14.19
C ARG B 63 2.26 5.99 12.99
N LEU B 64 3.19 5.06 13.23
CA LEU B 64 3.65 4.18 12.18
C LEU B 64 2.51 3.37 11.59
N LEU B 65 1.70 2.74 12.44
CA LEU B 65 0.62 1.89 11.95
C LEU B 65 -0.46 2.71 11.22
N LEU B 66 -0.94 3.80 11.80
CA LEU B 66 -1.91 4.63 11.12
C LEU B 66 -1.32 5.21 9.83
N GLY B 67 -0.08 5.67 9.91
CA GLY B 67 0.59 6.28 8.78
C GLY B 67 0.69 5.36 7.58
N SER B 68 0.77 4.05 7.84
CA SER B 68 0.82 3.05 6.77
C SER B 68 -0.49 2.98 5.98
N GLY B 69 -1.58 3.44 6.59
CA GLY B 69 -2.90 3.37 5.98
C GLY B 69 -3.55 2.00 6.05
N LEU B 70 -2.85 1.06 6.68
CA LEU B 70 -3.29 -0.34 6.68
C LEU B 70 -4.43 -0.72 7.65
N PRO B 71 -4.34 -0.33 8.96
CA PRO B 71 -5.37 -0.81 9.89
C PRO B 71 -6.75 -0.42 9.39
N GLN B 72 -6.82 0.79 8.84
CA GLN B 72 -8.07 1.34 8.30
C GLN B 72 -8.68 0.40 7.26
N LYS B 73 -7.84 -0.16 6.38
CA LYS B 73 -8.33 -1.02 5.31
C LYS B 73 -8.83 -2.37 5.79
N PHE B 74 -8.36 -2.79 6.96
CA PHE B 74 -8.73 -4.11 7.45
C PHE B 74 -9.67 -4.05 8.65
N GLY B 75 -10.34 -2.91 8.79
CA GLY B 75 -11.41 -2.81 9.76
C GLY B 75 -10.91 -2.75 11.19
N CYS B 76 -9.69 -2.26 11.35
CA CYS B 76 -9.13 -2.05 12.67
C CYS B 76 -9.27 -0.58 13.02
N SER B 77 -10.10 -0.27 14.01
CA SER B 77 -10.29 1.12 14.43
C SER B 77 -9.05 1.70 15.08
N ASP B 78 -8.96 3.03 15.13
CA ASP B 78 -7.83 3.67 15.82
C ASP B 78 -7.83 3.24 17.29
N GLU B 79 -9.01 3.08 17.88
CA GLU B 79 -9.08 2.76 19.32
C GLU B 79 -8.57 1.34 19.60
N VAL B 80 -8.98 0.38 18.77
CA VAL B 80 -8.53 -1.00 18.95
C VAL B 80 -7.01 -1.09 18.72
N LEU B 81 -6.51 -0.36 17.73
CA LEU B 81 -5.07 -0.32 17.47
C LEU B 81 -4.31 0.21 18.68
N LEU B 82 -4.79 1.31 19.25
CA LEU B 82 -4.12 1.89 20.42
C LEU B 82 -4.23 0.95 21.65
N ASN B 83 -5.39 0.34 21.83
CA ASN B 83 -5.56 -0.62 22.93
C ASN B 83 -4.55 -1.75 22.81
N PHE B 84 -4.41 -2.25 21.59
CA PHE B 84 -3.49 -3.35 21.31
C PHE B 84 -2.05 -2.96 21.65
N ILE B 85 -1.64 -1.78 21.21
CA ILE B 85 -0.29 -1.30 21.48
C ILE B 85 -0.02 -1.22 22.99
N LEU B 86 -1.00 -0.73 23.74
CA LEU B 86 -0.84 -0.62 25.19
C LEU B 86 -0.91 -1.97 25.89
N GLN B 87 -1.69 -2.92 25.37
CA GLN B 87 -1.69 -4.25 25.98
C GLN B 87 -0.34 -4.92 25.75
N CYS B 88 0.26 -4.70 24.58
CA CYS B 88 1.60 -5.16 24.32
C CYS B 88 2.57 -4.53 25.30
N ARG B 89 2.54 -3.20 25.37
CA ARG B 89 3.43 -2.44 26.25
C ARG B 89 3.43 -3.02 27.67
N LYS B 90 2.25 -3.31 28.17
CA LYS B 90 2.10 -3.80 29.53
C LYS B 90 2.82 -5.12 29.79
N LYS B 91 3.11 -5.87 28.73
CA LYS B 91 3.72 -7.18 28.87
C LYS B 91 5.21 -7.16 28.56
N TYR B 92 5.81 -5.97 28.41
CA TYR B 92 7.27 -5.87 28.37
C TYR B 92 7.82 -5.53 29.75
N ARG B 93 9.02 -6.02 30.00
CA ARG B 93 9.65 -5.93 31.31
CA ARG B 93 9.63 -5.92 31.31
C ARG B 93 10.79 -4.94 31.31
N ASN B 94 11.21 -4.51 32.49
CA ASN B 94 12.30 -3.55 32.60
C ASN B 94 13.66 -4.26 32.51
N VAL B 95 13.97 -4.82 31.36
CA VAL B 95 15.26 -5.46 31.12
C VAL B 95 16.05 -4.50 30.24
N PRO B 96 17.38 -4.69 30.19
CA PRO B 96 18.17 -3.66 29.48
C PRO B 96 17.94 -3.62 27.96
N TYR B 97 17.62 -4.75 27.33
CA TYR B 97 17.50 -4.73 25.86
C TYR B 97 16.13 -5.19 25.36
N HIS B 98 15.69 -6.39 25.71
CA HIS B 98 14.44 -6.90 25.16
C HIS B 98 13.22 -6.34 25.88
N ASN B 99 13.10 -5.01 25.81
CA ASN B 99 12.02 -4.29 26.44
C ASN B 99 11.13 -3.64 25.37
N PHE B 100 10.17 -2.81 25.76
CA PHE B 100 9.23 -2.21 24.79
C PHE B 100 9.94 -1.36 23.73
N TYR B 101 11.05 -0.71 24.09
CA TYR B 101 11.74 0.14 23.14
C TYR B 101 12.32 -0.68 22.00
N HIS B 102 12.80 -1.88 22.30
CA HIS B 102 13.32 -2.78 21.26
C HIS B 102 12.25 -3.16 20.24
N VAL B 103 11.04 -3.53 20.68
CA VAL B 103 10.02 -3.95 19.70
C VAL B 103 9.45 -2.74 18.94
N VAL B 104 9.40 -1.57 19.57
CA VAL B 104 8.99 -0.37 18.81
C VAL B 104 10.06 -0.05 17.77
N ASP B 105 11.32 -0.22 18.16
CA ASP B 105 12.41 -0.06 17.21
C ASP B 105 12.26 -1.01 16.02
N VAL B 106 11.97 -2.27 16.33
CA VAL B 106 11.82 -3.27 15.27
C VAL B 106 10.65 -2.89 14.36
N CYS B 107 9.57 -2.41 14.96
CA CYS B 107 8.41 -1.96 14.20
C CYS B 107 8.78 -0.83 13.24
N GLN B 108 9.47 0.17 13.77
CA GLN B 108 9.91 1.33 12.98
C GLN B 108 10.87 0.90 11.89
N THR B 109 11.74 -0.05 12.23
CA THR B 109 12.77 -0.48 11.28
C THR B 109 12.13 -1.25 10.14
N ILE B 110 11.19 -2.14 10.47
CA ILE B 110 10.46 -2.89 9.43
C ILE B 110 9.65 -1.94 8.53
N HIS B 111 9.04 -0.92 9.12
CA HIS B 111 8.39 0.13 8.29
C HIS B 111 9.38 0.71 7.27
N THR B 112 10.61 1.03 7.68
CA THR B 112 11.56 1.54 6.71
C THR B 112 11.95 0.49 5.66
N PHE B 113 12.10 -0.77 6.04
CA PHE B 113 12.41 -1.81 5.05
C PHE B 113 11.28 -1.96 4.02
N LEU B 114 10.04 -1.97 4.52
CA LEU B 114 8.89 -2.09 3.63
C LEU B 114 8.78 -0.90 2.68
N TYR B 115 8.87 0.31 3.23
CA TYR B 115 8.48 1.48 2.47
C TYR B 115 9.66 2.33 1.97
N ARG B 116 10.73 2.50 2.74
CA ARG B 116 11.95 3.09 2.17
C ARG B 116 12.68 2.08 1.30
N GLY B 117 12.67 0.81 1.72
CA GLY B 117 13.35 -0.25 0.98
C GLY B 117 12.49 -0.97 -0.08
N ASN B 118 11.25 -0.53 -0.23
CA ASN B 118 10.34 -1.04 -1.25
C ASN B 118 9.99 -2.53 -1.16
N VAL B 119 10.26 -3.14 0.00
CA VAL B 119 9.88 -4.54 0.16
C VAL B 119 8.35 -4.71 0.15
N TYR B 120 7.60 -3.62 0.40
CA TYR B 120 6.13 -3.73 0.35
C TYR B 120 5.73 -4.27 -1.03
N GLU B 121 6.54 -4.04 -2.08
CA GLU B 121 6.16 -4.49 -3.42
C GLU B 121 6.08 -6.02 -3.50
N LYS B 122 6.77 -6.70 -2.58
CA LYS B 122 6.82 -8.17 -2.63
C LYS B 122 5.69 -8.83 -1.82
N LEU B 123 4.92 -8.02 -1.08
CA LEU B 123 3.94 -8.55 -0.13
C LEU B 123 2.54 -7.97 -0.34
N THR B 124 1.51 -8.63 0.17
CA THR B 124 0.18 -8.05 0.08
C THR B 124 0.10 -6.95 1.11
N GLU B 125 -0.92 -6.10 1.00
CA GLU B 125 -1.17 -5.12 2.06
C GLU B 125 -1.39 -5.82 3.41
N LEU B 126 -2.18 -6.89 3.43
CA LEU B 126 -2.41 -7.61 4.69
C LEU B 126 -1.11 -8.10 5.31
N GLU B 127 -0.23 -8.67 4.49
CA GLU B 127 1.06 -9.12 5.01
C GLU B 127 1.89 -7.98 5.59
N CYS B 128 1.85 -6.81 4.95
CA CYS B 128 2.55 -5.64 5.49
C CYS B 128 1.98 -5.26 6.87
N PHE B 129 0.67 -5.28 6.97
CA PHE B 129 -0.02 -4.99 8.23
C PHE B 129 0.38 -6.00 9.31
N VAL B 130 0.34 -7.28 8.95
CA VAL B 130 0.71 -8.30 9.93
C VAL B 130 2.14 -8.13 10.40
N LEU B 131 3.04 -7.77 9.50
CA LEU B 131 4.44 -7.61 9.89
C LEU B 131 4.61 -6.50 10.92
N LEU B 132 3.96 -5.36 10.68
CA LEU B 132 4.09 -4.21 11.59
C LEU B 132 3.49 -4.52 12.96
N ILE B 133 2.37 -5.25 12.97
CA ILE B 133 1.77 -5.73 14.22
C ILE B 133 2.68 -6.74 14.91
N THR B 134 3.19 -7.69 14.13
CA THR B 134 3.99 -8.78 14.71
C THR B 134 5.25 -8.23 15.35
N ALA B 135 5.82 -7.17 14.78
CA ALA B 135 6.97 -6.53 15.39
C ALA B 135 6.72 -6.23 16.86
N LEU B 136 5.50 -5.76 17.18
CA LEU B 136 5.20 -5.35 18.55
C LEU B 136 4.95 -6.50 19.51
N VAL B 137 4.62 -7.69 19.00
CA VAL B 137 4.43 -8.86 19.88
C VAL B 137 5.65 -9.79 19.96
N HIS B 138 6.67 -9.57 19.14
CA HIS B 138 7.60 -10.69 18.86
C HIS B 138 8.51 -11.05 20.06
N ASP B 139 8.56 -10.21 21.10
CA ASP B 139 9.38 -10.51 22.30
C ASP B 139 8.59 -10.44 23.61
N LEU B 140 7.25 -10.55 23.53
CA LEU B 140 6.40 -10.32 24.70
C LEU B 140 6.86 -11.10 25.95
N ASP B 141 7.01 -10.38 27.06
CA ASP B 141 7.35 -10.95 28.37
C ASP B 141 8.74 -11.59 28.39
N HIS B 142 9.64 -11.07 27.55
CA HIS B 142 11.06 -11.40 27.63
C HIS B 142 11.60 -11.01 29.00
N MET B 143 12.37 -11.91 29.61
CA MET B 143 12.90 -11.64 30.95
CA MET B 143 12.90 -11.69 30.96
C MET B 143 14.40 -11.42 30.94
N GLY B 144 14.97 -11.19 29.76
CA GLY B 144 16.39 -10.92 29.64
C GLY B 144 17.23 -12.18 29.71
N LEU B 145 16.57 -13.34 29.58
CA LEU B 145 17.25 -14.64 29.60
C LEU B 145 16.97 -15.39 28.31
N ASN B 146 17.98 -16.03 27.73
CA ASN B 146 17.75 -16.65 26.42
C ASN B 146 17.27 -18.11 26.57
N ASN B 147 16.96 -18.74 25.43
CA ASN B 147 16.45 -20.12 25.47
C ASN B 147 17.40 -21.07 26.20
N SER B 148 18.69 -20.90 25.96
CA SER B 148 19.70 -21.78 26.57
C SER B 148 19.61 -21.77 28.11
N PHE B 149 19.35 -20.60 28.68
CA PHE B 149 19.20 -20.48 30.12
C PHE B 149 18.11 -21.40 30.66
N TYR B 150 16.94 -21.32 30.03
CA TYR B 150 15.75 -22.06 30.45
C TYR B 150 15.96 -23.54 30.34
N LEU B 151 16.74 -23.94 29.34
CA LEU B 151 17.02 -25.36 29.14
C LEU B 151 18.12 -25.85 30.10
N LYS B 152 19.17 -25.05 30.31
CA LYS B 152 20.26 -25.42 31.23
C LYS B 152 19.80 -25.52 32.67
N THR B 153 18.85 -24.67 33.05
CA THR B 153 18.40 -24.66 34.42
C THR B 153 17.20 -25.58 34.60
N GLU B 154 16.73 -26.15 33.50
CA GLU B 154 15.55 -27.02 33.53
C GLU B 154 14.40 -26.33 34.27
N SER B 155 14.09 -25.11 33.84
CA SER B 155 12.94 -24.37 34.35
C SER B 155 11.66 -25.03 33.84
N PRO B 156 10.55 -24.82 34.56
CA PRO B 156 9.31 -25.44 34.12
C PRO B 156 8.99 -25.17 32.63
N LEU B 157 9.20 -23.94 32.15
CA LEU B 157 8.96 -23.65 30.74
C LEU B 157 9.89 -24.40 29.78
N GLY B 158 11.16 -24.51 30.15
CA GLY B 158 12.09 -25.32 29.37
C GLY B 158 11.66 -26.78 29.32
N ILE B 159 11.26 -27.32 30.45
CA ILE B 159 10.80 -28.71 30.52
C ILE B 159 9.60 -28.92 29.59
N LEU B 160 8.64 -28.01 29.65
CA LEU B 160 7.48 -28.09 28.76
C LEU B 160 7.85 -28.09 27.26
N SER B 161 8.74 -27.19 26.84
CA SER B 161 9.14 -27.14 25.44
CA SER B 161 9.14 -27.14 25.44
C SER B 161 9.82 -28.45 25.04
N SER B 162 10.75 -28.91 25.86
CA SER B 162 11.41 -30.20 25.63
C SER B 162 10.39 -31.34 25.46
N ALA B 163 9.48 -31.46 26.41
CA ALA B 163 8.49 -32.54 26.37
C ALA B 163 7.54 -32.46 25.15
N SER B 164 7.30 -31.25 24.64
CA SER B 164 6.33 -31.09 23.55
C SER B 164 6.96 -30.84 22.17
N GLY B 165 8.26 -31.06 22.03
CA GLY B 165 8.88 -31.10 20.71
C GLY B 165 9.31 -29.79 20.07
N ASN B 166 9.70 -28.83 20.88
CA ASN B 166 10.33 -27.62 20.35
C ASN B 166 11.38 -27.15 21.32
N THR B 167 12.35 -26.39 20.83
CA THR B 167 13.33 -25.82 21.71
C THR B 167 13.21 -24.29 21.73
N SER B 168 12.19 -23.76 21.07
CA SER B 168 12.04 -22.31 21.04
C SER B 168 11.20 -21.84 22.23
N VAL B 169 11.78 -21.94 23.44
CA VAL B 169 11.03 -21.67 24.67
C VAL B 169 10.39 -20.28 24.64
N LEU B 170 11.22 -19.25 24.43
CA LEU B 170 10.76 -17.88 24.43
C LEU B 170 9.74 -17.60 23.32
N GLU B 171 10.02 -18.08 22.12
CA GLU B 171 9.23 -17.69 20.95
C GLU B 171 7.82 -18.28 21.05
N VAL B 172 7.70 -19.53 21.53
CA VAL B 172 6.39 -20.10 21.75
C VAL B 172 5.64 -19.29 22.82
N HIS B 173 6.37 -18.84 23.83
CA HIS B 173 5.78 -18.06 24.92
C HIS B 173 5.30 -16.70 24.39
N HIS B 174 6.12 -16.04 23.56
CA HIS B 174 5.70 -14.78 22.93
C HIS B 174 4.42 -15.00 22.15
N CYS B 175 4.38 -16.06 21.35
CA CYS B 175 3.17 -16.37 20.57
C CYS B 175 1.92 -16.59 21.43
N ASN B 176 2.06 -17.36 22.52
CA ASN B 176 0.96 -17.56 23.44
C ASN B 176 0.36 -16.26 23.91
N LEU B 177 1.22 -15.31 24.29
CA LEU B 177 0.75 -14.03 24.83
C LEU B 177 0.15 -13.17 23.75
N ALA B 178 0.71 -13.24 22.55
CA ALA B 178 0.16 -12.52 21.41
C ALA B 178 -1.29 -12.97 21.17
N VAL B 179 -1.51 -14.28 21.15
CA VAL B 179 -2.85 -14.80 20.92
C VAL B 179 -3.77 -14.40 22.08
N GLU B 180 -3.27 -14.41 23.31
CA GLU B 180 -4.06 -13.87 24.43
C GLU B 180 -4.52 -12.43 24.22
N ILE B 181 -3.62 -11.57 23.78
CA ILE B 181 -3.99 -10.17 23.59
C ILE B 181 -5.06 -10.04 22.51
N LEU B 182 -4.86 -10.76 21.41
CA LEU B 182 -5.78 -10.72 20.27
C LEU B 182 -7.14 -11.38 20.57
N SER B 183 -7.22 -12.13 21.66
CA SER B 183 -8.49 -12.80 21.95
C SER B 183 -9.48 -11.84 22.63
N ASP B 184 -9.00 -10.69 23.06
CA ASP B 184 -9.87 -9.64 23.58
C ASP B 184 -10.36 -8.78 22.40
N PRO B 185 -11.69 -8.69 22.18
CA PRO B 185 -12.19 -7.90 21.05
C PRO B 185 -11.70 -6.46 21.05
N GLU B 186 -11.47 -5.91 22.23
CA GLU B 186 -11.04 -4.53 22.35
C GLU B 186 -9.61 -4.28 21.87
N SER B 187 -8.80 -5.34 21.75
CA SER B 187 -7.46 -5.18 21.25
C SER B 187 -7.19 -6.14 20.11
N ASP B 188 -8.24 -6.68 19.50
CA ASP B 188 -8.00 -7.60 18.39
C ASP B 188 -7.84 -6.84 17.07
N VAL B 189 -6.59 -6.52 16.72
CA VAL B 189 -6.33 -5.77 15.48
C VAL B 189 -6.65 -6.61 14.24
N PHE B 190 -6.92 -7.90 14.43
CA PHE B 190 -7.29 -8.78 13.31
C PHE B 190 -8.81 -9.07 13.34
N GLY B 191 -9.52 -8.35 14.21
CA GLY B 191 -10.94 -8.61 14.45
C GLY B 191 -11.80 -8.27 13.25
N GLY B 192 -11.27 -7.42 12.38
CA GLY B 192 -11.98 -7.08 11.16
C GLY B 192 -11.75 -8.01 9.98
N LEU B 193 -10.93 -9.04 10.17
CA LEU B 193 -10.63 -10.00 9.10
C LEU B 193 -11.59 -11.17 9.18
N GLU B 194 -11.88 -11.79 8.04
CA GLU B 194 -12.70 -13.01 8.06
C GLU B 194 -12.02 -14.11 7.26
N GLY B 195 -12.49 -15.34 7.45
CA GLY B 195 -12.14 -16.49 6.64
C GLY B 195 -10.64 -16.63 6.46
N ALA B 196 -10.22 -16.87 5.23
CA ALA B 196 -8.81 -17.10 4.91
C ALA B 196 -7.88 -15.94 5.33
N GLU B 197 -8.32 -14.69 5.21
CA GLU B 197 -7.46 -13.57 5.63
C GLU B 197 -7.16 -13.62 7.13
N ARG B 198 -8.17 -13.90 7.94
CA ARG B 198 -7.96 -14.01 9.37
C ARG B 198 -6.99 -15.15 9.68
N THR B 199 -7.20 -16.31 9.05
CA THR B 199 -6.27 -17.44 9.25
C THR B 199 -4.84 -17.08 8.84
N LEU B 200 -4.69 -16.39 7.72
CA LEU B 200 -3.35 -16.00 7.29
C LEU B 200 -2.70 -15.02 8.30
N ALA B 201 -3.47 -14.07 8.83
CA ALA B 201 -2.88 -13.13 9.81
C ALA B 201 -2.29 -13.87 11.02
N PHE B 202 -3.08 -14.75 11.64
CA PHE B 202 -2.57 -15.51 12.80
C PHE B 202 -1.42 -16.46 12.43
N ARG B 203 -1.55 -17.18 11.33
CA ARG B 203 -0.50 -18.12 10.93
C ARG B 203 0.82 -17.42 10.56
N SER B 204 0.76 -16.34 9.79
CA SER B 204 2.00 -15.66 9.44
CA SER B 204 1.97 -15.59 9.43
C SER B 204 2.61 -14.98 10.67
N MET B 205 1.78 -14.43 11.55
CA MET B 205 2.30 -13.81 12.77
C MET B 205 3.15 -14.82 13.56
N ILE B 206 2.53 -15.95 13.80
CA ILE B 206 3.14 -17.03 14.56
C ILE B 206 4.37 -17.57 13.85
N ASP B 207 4.24 -17.85 12.55
CA ASP B 207 5.40 -18.28 11.77
C ASP B 207 6.58 -17.28 11.89
N CYS B 208 6.28 -15.99 11.77
CA CYS B 208 7.34 -15.00 11.87
C CYS B 208 8.00 -14.98 13.25
N VAL B 209 7.21 -15.01 14.32
CA VAL B 209 7.82 -14.99 15.67
C VAL B 209 8.69 -16.22 15.92
N LEU B 210 8.20 -17.39 15.54
CA LEU B 210 8.96 -18.62 15.71
C LEU B 210 10.28 -18.53 14.94
N ALA B 211 10.25 -17.88 13.78
CA ALA B 211 11.44 -17.73 12.96
C ALA B 211 12.50 -16.80 13.55
N THR B 212 12.19 -16.07 14.63
CA THR B 212 13.20 -15.16 15.21
C THR B 212 14.18 -15.90 16.11
N ASP B 213 13.92 -17.18 16.38
CA ASP B 213 14.86 -17.99 17.16
C ASP B 213 16.17 -18.11 16.40
N MET B 214 17.24 -17.53 16.95
CA MET B 214 18.52 -17.51 16.23
C MET B 214 19.12 -18.90 16.02
N ALA B 215 18.61 -19.92 16.71
CA ALA B 215 19.09 -21.28 16.45
C ALA B 215 18.63 -21.72 15.05
N LYS B 216 17.60 -21.07 14.52
CA LYS B 216 17.09 -21.37 13.18
C LYS B 216 17.61 -20.37 12.13
N HIS B 217 18.63 -19.58 12.48
CA HIS B 217 19.01 -18.46 11.63
C HIS B 217 19.53 -18.92 10.26
N GLY B 218 20.46 -19.87 10.28
CA GLY B 218 21.05 -20.36 9.04
C GLY B 218 20.04 -21.03 8.13
N SER B 219 19.18 -21.89 8.68
CA SER B 219 18.22 -22.60 7.84
C SER B 219 17.14 -21.64 7.31
N ALA B 220 16.70 -20.68 8.14
CA ALA B 220 15.72 -19.70 7.70
C ALA B 220 16.29 -18.85 6.55
N LEU B 221 17.53 -18.41 6.70
CA LEU B 221 18.14 -17.60 5.64
C LEU B 221 18.34 -18.43 4.38
N GLU B 222 18.81 -19.66 4.55
CA GLU B 222 19.07 -20.48 3.37
C GLU B 222 17.78 -20.77 2.62
N ALA B 223 16.69 -20.99 3.35
CA ALA B 223 15.40 -21.29 2.72
C ALA B 223 14.90 -20.10 1.91
N PHE B 224 14.99 -18.90 2.47
CA PHE B 224 14.56 -17.70 1.76
C PHE B 224 15.37 -17.47 0.49
N LEU B 225 16.69 -17.60 0.61
CA LEU B 225 17.56 -17.42 -0.55
C LEU B 225 17.25 -18.44 -1.63
N ALA B 226 16.98 -19.68 -1.25
CA ALA B 226 16.68 -20.72 -2.25
C ALA B 226 15.39 -20.38 -2.98
N SER B 227 14.40 -19.94 -2.23
CA SER B 227 13.13 -19.52 -2.78
C SER B 227 13.28 -18.31 -3.68
N ALA B 228 14.05 -17.31 -3.24
CA ALA B 228 14.28 -16.10 -4.03
C ALA B 228 14.99 -16.39 -5.35
N ALA B 229 15.90 -17.35 -5.34
CA ALA B 229 16.62 -17.71 -6.56
C ALA B 229 15.79 -18.57 -7.53
N ASP B 230 14.69 -19.14 -7.06
CA ASP B 230 13.91 -20.09 -7.85
C ASP B 230 12.68 -19.41 -8.44
N GLN B 231 12.70 -19.15 -9.74
CA GLN B 231 11.58 -18.49 -10.40
C GLN B 231 10.31 -19.32 -10.25
N SER B 232 10.45 -20.64 -10.09
CA SER B 232 9.27 -21.48 -9.88
C SER B 232 8.90 -21.76 -8.43
N SER B 233 9.40 -20.97 -7.50
CA SER B 233 9.06 -21.17 -6.10
C SER B 233 7.56 -21.03 -5.88
N ASP B 234 7.01 -21.83 -4.98
CA ASP B 234 5.63 -21.64 -4.59
C ASP B 234 5.43 -20.20 -4.09
N GLU B 235 4.44 -19.51 -4.63
CA GLU B 235 4.28 -18.09 -4.33
C GLU B 235 3.92 -17.84 -2.85
N ALA B 236 2.97 -18.62 -2.31
CA ALA B 236 2.61 -18.51 -0.90
C ALA B 236 3.83 -18.71 -0.02
N ALA B 237 4.63 -19.72 -0.33
CA ALA B 237 5.84 -20.01 0.45
C ALA B 237 6.83 -18.85 0.38
N PHE B 238 7.01 -18.28 -0.82
CA PHE B 238 7.93 -17.16 -0.93
C PHE B 238 7.47 -15.94 -0.12
N HIS B 239 6.17 -15.67 -0.15
CA HIS B 239 5.61 -14.58 0.68
C HIS B 239 5.88 -14.86 2.15
N ARG B 240 5.62 -16.09 2.61
CA ARG B 240 5.81 -16.35 4.04
CA ARG B 240 5.83 -16.45 4.02
C ARG B 240 7.28 -16.23 4.42
N MET B 241 8.18 -16.74 3.59
CA MET B 241 9.60 -16.60 3.90
C MET B 241 10.11 -15.18 3.85
N THR B 242 9.54 -14.38 2.95
CA THR B 242 9.91 -12.95 2.88
C THR B 242 9.48 -12.27 4.19
N MET B 243 8.29 -12.62 4.68
CA MET B 243 7.84 -12.05 5.95
C MET B 243 8.79 -12.46 7.08
N GLU B 244 9.12 -13.74 7.11
CA GLU B 244 10.02 -14.23 8.16
C GLU B 244 11.37 -13.49 8.10
N ILE B 245 11.91 -13.31 6.91
CA ILE B 245 13.26 -12.74 6.78
C ILE B 245 13.23 -11.24 7.10
N ILE B 246 12.11 -10.59 6.88
CA ILE B 246 12.00 -9.17 7.22
C ILE B 246 11.87 -8.96 8.73
N LEU B 247 11.10 -9.81 9.43
CA LEU B 247 11.09 -9.70 10.90
C LEU B 247 12.50 -10.02 11.45
N LYS B 248 13.14 -11.06 10.92
CA LYS B 248 14.53 -11.35 11.31
C LYS B 248 15.43 -10.15 11.08
N ALA B 249 15.29 -9.54 9.89
CA ALA B 249 16.13 -8.42 9.51
C ALA B 249 15.92 -7.28 10.51
N GLY B 250 14.67 -7.01 10.85
CA GLY B 250 14.42 -5.96 11.83
C GLY B 250 15.04 -6.29 13.17
N ASP B 251 14.97 -7.56 13.54
CA ASP B 251 15.51 -8.00 14.83
C ASP B 251 17.03 -7.85 14.93
N ILE B 252 17.76 -8.02 13.81
CA ILE B 252 19.22 -7.83 13.84
C ILE B 252 19.66 -6.55 13.18
N SER B 253 18.81 -5.55 13.18
CA SER B 253 19.05 -4.34 12.40
C SER B 253 19.88 -3.28 13.14
N ASN B 254 20.21 -3.54 14.40
CA ASN B 254 20.97 -2.55 15.19
C ASN B 254 22.22 -2.05 14.46
N VAL B 255 22.93 -2.94 13.77
CA VAL B 255 24.17 -2.50 13.16
C VAL B 255 23.94 -1.80 11.80
N THR B 256 22.69 -1.73 11.36
CA THR B 256 22.37 -0.98 10.14
C THR B 256 22.04 0.49 10.42
N LYS B 257 22.17 0.91 11.68
CA LYS B 257 21.78 2.27 12.08
C LYS B 257 22.99 3.20 12.15
N PRO B 258 22.78 4.53 12.20
CA PRO B 258 23.88 5.46 12.44
C PRO B 258 24.70 5.02 13.65
N PHE B 259 26.01 5.23 13.54
CA PHE B 259 26.97 4.64 14.46
C PHE B 259 26.60 4.81 15.94
N ASP B 260 26.28 6.04 16.33
CA ASP B 260 26.04 6.30 17.75
C ASP B 260 24.78 5.58 18.25
N ILE B 261 23.75 5.48 17.41
CA ILE B 261 22.57 4.70 17.75
C ILE B 261 22.91 3.20 17.90
N SER B 262 23.62 2.66 16.91
CA SER B 262 24.05 1.25 16.96
CA SER B 262 24.07 1.27 16.95
C SER B 262 24.87 0.97 18.21
N ARG B 263 25.73 1.91 18.59
CA ARG B 263 26.55 1.77 19.79
C ARG B 263 25.69 1.68 21.06
N GLN B 264 24.69 2.57 21.17
CA GLN B 264 23.80 2.53 22.33
C GLN B 264 23.00 1.22 22.40
N TRP B 265 22.61 0.67 21.25
CA TRP B 265 21.97 -0.66 21.29
C TRP B 265 22.94 -1.71 21.79
N ALA B 266 24.18 -1.63 21.30
CA ALA B 266 25.20 -2.63 21.67
C ALA B 266 25.46 -2.65 23.17
N MET B 267 25.44 -1.48 23.81
CA MET B 267 25.66 -1.42 25.25
C MET B 267 24.51 -2.08 26.01
N ALA B 268 23.31 -1.91 25.48
CA ALA B 268 22.11 -2.47 26.08
C ALA B 268 22.11 -4.01 26.02
N VAL B 269 22.43 -4.53 24.84
CA VAL B 269 22.58 -5.96 24.59
C VAL B 269 23.59 -6.59 25.55
N THR B 270 24.73 -5.91 25.66
CA THR B 270 25.83 -6.39 26.47
C THR B 270 25.44 -6.46 27.93
N GLU B 271 24.78 -5.42 28.41
CA GLU B 271 24.39 -5.40 29.81
C GLU B 271 23.37 -6.52 30.06
N GLU B 272 22.46 -6.74 29.12
CA GLU B 272 21.46 -7.81 29.32
C GLU B 272 22.15 -9.17 29.41
N PHE B 273 23.09 -9.43 28.50
CA PHE B 273 23.88 -10.68 28.55
C PHE B 273 24.64 -10.83 29.87
N TYR B 274 25.24 -9.74 30.36
CA TYR B 274 26.00 -9.82 31.61
C TYR B 274 25.11 -10.21 32.78
N ARG B 275 23.86 -9.74 32.79
CA ARG B 275 22.94 -10.08 33.87
C ARG B 275 22.59 -11.54 33.81
N GLN B 276 22.41 -12.08 32.60
CA GLN B 276 22.18 -13.52 32.49
C GLN B 276 23.39 -14.29 32.99
N GLY B 277 24.57 -13.83 32.60
CA GLY B 277 25.80 -14.45 33.08
C GLY B 277 25.93 -14.45 34.58
N ASP B 278 25.59 -13.31 35.20
CA ASP B 278 25.60 -13.23 36.67
C ASP B 278 24.67 -14.29 37.30
N MET B 279 23.45 -14.39 36.80
CA MET B 279 22.50 -15.36 37.34
C MET B 279 22.94 -16.80 37.09
N GLU B 280 23.56 -17.05 35.94
CA GLU B 280 24.13 -18.37 35.65
C GLU B 280 25.23 -18.78 36.62
N LYS B 281 26.11 -17.83 36.95
CA LYS B 281 27.14 -18.11 37.97
C LYS B 281 26.48 -18.51 39.27
N GLU B 282 25.46 -17.76 39.67
CA GLU B 282 24.78 -18.04 40.93
C GLU B 282 24.12 -19.43 40.95
N ARG B 283 23.67 -19.89 39.79
CA ARG B 283 22.97 -21.17 39.69
C ARG B 283 23.87 -22.31 39.28
N GLY B 284 25.16 -22.00 39.10
CA GLY B 284 26.17 -23.01 38.79
C GLY B 284 25.97 -23.71 37.45
N VAL B 285 25.51 -22.97 36.46
CA VAL B 285 25.43 -23.51 35.10
C VAL B 285 26.45 -22.78 34.22
N GLU B 286 26.71 -23.34 33.04
CA GLU B 286 27.75 -22.82 32.16
C GLU B 286 27.54 -21.32 31.85
N VAL B 287 28.65 -20.58 31.88
CA VAL B 287 28.66 -19.15 31.60
C VAL B 287 29.54 -18.86 30.39
N LEU B 288 28.95 -18.69 29.21
CA LEU B 288 29.76 -18.37 28.03
C LEU B 288 30.46 -17.00 28.20
N PRO B 289 31.62 -16.82 27.54
CA PRO B 289 32.43 -15.61 27.81
C PRO B 289 31.72 -14.31 27.40
N MET B 290 30.93 -14.34 26.34
CA MET B 290 30.11 -13.17 25.96
C MET B 290 29.19 -12.70 27.11
N PHE B 291 28.90 -13.60 28.06
CA PHE B 291 27.97 -13.33 29.14
C PHE B 291 28.70 -13.07 30.46
N ASP B 292 30.03 -13.14 30.41
CA ASP B 292 30.86 -13.06 31.60
C ASP B 292 31.34 -11.63 31.84
N ARG B 293 30.78 -11.00 32.86
CA ARG B 293 31.04 -9.60 33.20
C ARG B 293 32.49 -9.38 33.61
N SER B 294 33.14 -10.44 34.08
CA SER B 294 34.51 -10.38 34.58
C SER B 294 35.56 -10.58 33.48
N LYS B 295 35.12 -10.61 32.22
CA LYS B 295 36.08 -10.50 31.12
C LYS B 295 36.01 -9.06 30.59
N ASN B 296 37.09 -8.58 29.97
CA ASN B 296 37.12 -7.21 29.47
C ASN B 296 36.07 -7.07 28.37
N MET B 297 35.37 -5.94 28.33
CA MET B 297 34.22 -5.81 27.43
C MET B 297 34.59 -6.05 25.95
N GLU B 298 35.52 -5.25 25.44
CA GLU B 298 35.87 -5.24 24.03
C GLU B 298 34.59 -5.00 23.17
N LEU B 299 33.99 -3.83 23.33
CA LEU B 299 32.78 -3.48 22.57
C LEU B 299 33.07 -3.49 21.06
N ALA B 300 34.13 -2.81 20.64
CA ALA B 300 34.47 -2.73 19.22
C ALA B 300 34.70 -4.11 18.58
N LYS B 301 35.46 -4.97 19.26
CA LYS B 301 35.75 -6.28 18.70
C LYS B 301 34.49 -7.12 18.60
N GLY B 302 33.60 -7.00 19.59
CA GLY B 302 32.34 -7.71 19.54
C GLY B 302 31.43 -7.27 18.38
N GLN B 303 31.37 -5.96 18.09
CA GLN B 303 30.54 -5.47 16.99
C GLN B 303 31.12 -5.90 15.65
N ILE B 304 32.43 -5.79 15.50
CA ILE B 304 33.10 -6.23 14.27
C ILE B 304 32.80 -7.72 14.04
N GLY B 305 32.92 -8.52 15.09
CA GLY B 305 32.63 -9.93 15.04
C GLY B 305 31.20 -10.28 14.65
N PHE B 306 30.22 -9.60 15.25
CA PHE B 306 28.81 -9.78 14.91
C PHE B 306 28.55 -9.38 13.47
N ILE B 307 29.14 -8.26 13.07
CA ILE B 307 29.07 -7.79 11.70
C ILE B 307 29.64 -8.80 10.73
N ASP B 308 30.84 -9.29 11.02
CA ASP B 308 31.51 -10.17 10.08
C ASP B 308 30.81 -11.54 10.00
N PHE B 309 30.37 -12.07 11.12
CA PHE B 309 29.91 -13.45 11.11
C PHE B 309 28.40 -13.59 10.97
N VAL B 310 27.65 -12.52 11.30
CA VAL B 310 26.18 -12.62 11.19
C VAL B 310 25.57 -11.56 10.28
N ALA B 311 25.73 -10.29 10.65
CA ALA B 311 24.93 -9.27 10.02
C ALA B 311 25.35 -8.89 8.60
N ALA B 312 26.64 -8.66 8.34
CA ALA B 312 27.02 -8.29 6.97
C ALA B 312 26.59 -9.38 5.96
N PRO B 313 26.86 -10.67 6.25
CA PRO B 313 26.48 -11.63 5.21
C PRO B 313 24.97 -11.82 5.11
N PHE B 314 24.25 -11.75 6.23
CA PHE B 314 22.77 -11.75 6.19
C PHE B 314 22.23 -10.65 5.26
N PHE B 315 22.63 -9.41 5.52
CA PHE B 315 22.05 -8.31 4.76
C PHE B 315 22.58 -8.31 3.33
N GLN B 316 23.86 -8.63 3.13
CA GLN B 316 24.39 -8.66 1.77
C GLN B 316 23.65 -9.71 0.93
N LYS B 317 23.37 -10.86 1.52
CA LYS B 317 22.77 -11.96 0.76
C LYS B 317 21.31 -11.68 0.41
N ILE B 318 20.54 -11.15 1.36
CA ILE B 318 19.13 -10.93 1.06
C ILE B 318 18.95 -9.75 0.11
N VAL B 319 19.81 -8.75 0.23
CA VAL B 319 19.74 -7.59 -0.67
C VAL B 319 20.08 -8.04 -2.09
N ASP B 320 21.14 -8.82 -2.23
CA ASP B 320 21.58 -9.27 -3.55
C ASP B 320 20.59 -10.25 -4.17
N ALA B 321 19.95 -11.04 -3.33
CA ALA B 321 19.05 -12.08 -3.82
C ALA B 321 17.77 -11.49 -4.36
N CYS B 322 17.36 -10.36 -3.80
CA CYS B 322 15.97 -10.03 -3.88
C CYS B 322 15.60 -8.62 -3.44
N LEU B 323 16.17 -8.18 -2.33
CA LEU B 323 15.69 -6.96 -1.69
C LEU B 323 16.61 -5.77 -2.02
N GLN B 324 16.76 -5.46 -3.30
CA GLN B 324 17.76 -4.48 -3.75
C GLN B 324 17.52 -3.10 -3.15
N GLY B 325 16.26 -2.80 -2.83
CA GLY B 325 15.93 -1.51 -2.22
C GLY B 325 16.51 -1.32 -0.83
N MET B 326 16.94 -2.40 -0.17
CA MET B 326 17.55 -2.31 1.16
C MET B 326 19.09 -2.17 1.15
N GLN B 327 19.67 -1.84 0.00
CA GLN B 327 21.12 -1.66 -0.11
C GLN B 327 21.75 -0.76 0.98
N TRP B 328 21.04 0.28 1.45
CA TRP B 328 21.61 1.18 2.45
C TRP B 328 22.02 0.43 3.71
N THR B 329 21.38 -0.70 3.99
CA THR B 329 21.73 -1.48 5.19
C THR B 329 23.14 -2.00 5.10
N VAL B 330 23.48 -2.56 3.94
CA VAL B 330 24.82 -3.01 3.69
C VAL B 330 25.83 -1.86 3.74
N ASP B 331 25.51 -0.72 3.12
CA ASP B 331 26.38 0.45 3.16
C ASP B 331 26.64 0.91 4.59
N ARG B 332 25.59 0.94 5.42
CA ARG B 332 25.76 1.43 6.80
C ARG B 332 26.53 0.42 7.67
N ILE B 333 26.30 -0.87 7.47
CA ILE B 333 27.11 -1.90 8.17
C ILE B 333 28.60 -1.75 7.80
N LYS B 334 28.89 -1.52 6.51
CA LYS B 334 30.25 -1.28 6.05
C LYS B 334 30.85 -0.05 6.72
N SER B 335 30.07 1.03 6.74
CA SER B 335 30.48 2.26 7.39
C SER B 335 30.70 2.08 8.90
N ASN B 336 29.78 1.39 9.58
CA ASN B 336 29.95 1.15 11.00
C ASN B 336 31.18 0.30 11.31
N ARG B 337 31.38 -0.76 10.52
CA ARG B 337 32.56 -1.61 10.70
C ARG B 337 33.83 -0.79 10.58
N ALA B 338 33.88 0.11 9.59
CA ALA B 338 35.08 0.92 9.37
C ALA B 338 35.32 1.85 10.56
N GLN B 339 34.24 2.38 11.12
CA GLN B 339 34.35 3.23 12.30
C GLN B 339 34.84 2.44 13.52
N TRP B 340 34.34 1.22 13.71
CA TRP B 340 34.82 0.39 14.81
C TRP B 340 36.29 0.02 14.63
N GLU B 341 36.75 -0.16 13.40
CA GLU B 341 38.19 -0.35 13.15
C GLU B 341 38.99 0.93 13.43
N ARG B 342 38.39 2.09 13.18
CA ARG B 342 39.06 3.33 13.49
C ARG B 342 39.25 3.41 15.01
N VAL B 343 38.24 2.96 15.75
CA VAL B 343 38.29 2.90 17.22
C VAL B 343 39.45 2.02 17.68
N LEU B 344 39.66 0.88 17.01
CA LEU B 344 40.80 0.04 17.35
C LEU B 344 42.11 0.66 16.88
N GLU B 345 42.11 1.25 15.70
CA GLU B 345 43.33 1.72 15.11
C GLU B 345 43.92 2.89 15.93
N THR B 346 43.07 3.56 16.71
CA THR B 346 43.54 4.71 17.48
C THR B 346 43.68 4.42 18.98
N ARG B 347 43.40 3.19 19.38
CA ARG B 347 43.69 2.74 20.75
C ARG B 347 45.19 2.46 20.94
ZN ZN C . -13.60 8.77 -19.91
MG MG D . -11.70 10.37 -23.04
CL25 PIL E . -17.25 7.32 -25.99
C24 PIL E . -15.65 6.85 -25.50
C23 PIL E . -14.55 7.56 -25.95
N22 PIL E . -13.30 7.19 -25.56
C21 PIL E . -13.12 6.11 -24.73
C19 PIL E . -14.24 5.41 -24.29
CL20 PIL E . -14.03 4.05 -23.24
C18 PIL E . -15.48 5.76 -24.67
N16 PIL E . -16.65 5.06 -24.22
C15 PIL E . -17.44 4.24 -25.08
O17 PIL E . -17.18 4.08 -26.26
C14 PIL E . -18.68 3.60 -24.49
C13 PIL E . -18.83 3.53 -23.12
C12 PIL E . -19.99 2.96 -22.59
C9 PIL E . -20.98 2.49 -23.44
O10 PIL E . -22.14 1.93 -22.88
C11 PIL E . -22.43 2.49 -21.61
C2 PIL E . -20.84 2.57 -24.82
C1 PIL E . -19.68 3.14 -25.35
O3 PIL E . -21.86 2.08 -25.67
C4 PIL E . -21.89 2.81 -26.93
C5 PIL E . -23.28 3.40 -27.13
C6 PIL E . -23.98 2.45 -28.25
C7 PIL E . -22.83 1.35 -28.58
C8 PIL E . -21.64 1.89 -27.98
C GAI F . -15.23 7.99 -30.10
N1 GAI F . -14.89 7.85 -31.35
N2 GAI F . -14.22 7.85 -29.11
N3 GAI F . -16.59 8.25 -29.73
C1 GOL G . 1.68 -3.99 -1.96
O1 GOL G . 1.77 -4.09 -0.53
C2 GOL G . 1.55 -2.55 -2.49
O2 GOL G . 0.52 -1.84 -1.89
C3 GOL G . 1.54 -2.37 -4.00
O3 GOL G . 0.96 -1.13 -4.45
ZN ZN H . 13.58 -8.92 19.15
MG MG I . 13.21 -12.71 20.39
CL25 PIL J . 20.21 -11.29 21.69
C24 PIL J . 19.21 -11.85 20.39
C23 PIL J . 18.31 -12.88 20.59
N22 PIL J . 17.53 -13.31 19.56
C21 PIL J . 17.63 -12.72 18.34
C19 PIL J . 18.53 -11.69 18.15
CL20 PIL J . 18.64 -10.96 16.60
C18 PIL J . 19.34 -11.26 19.17
N16 PIL J . 20.28 -10.17 19.03
C15 PIL J . 21.71 -10.31 18.90
O17 PIL J . 22.29 -11.37 18.89
C14 PIL J . 22.49 -9.01 18.84
C13 PIL J . 21.78 -7.87 18.53
C12 PIL J . 22.44 -6.67 18.48
C9 PIL J . 23.81 -6.59 18.77
O10 PIL J . 24.38 -5.30 18.72
C11 PIL J . 23.43 -4.36 19.17
C2 PIL J . 24.52 -7.73 19.11
C1 PIL J . 23.84 -8.95 19.14
O3 PIL J . 25.91 -7.67 19.40
C4 PIL J . 26.26 -8.70 20.37
C5 PIL J . 26.83 -8.05 21.62
C6 PIL J . 28.42 -8.46 21.62
C7 PIL J . 28.54 -9.50 20.39
C8 PIL J . 27.23 -9.57 19.81
C1 EOH K . 24.70 -17.95 28.07
C2 EOH K . 24.21 -19.16 27.29
O EOH K . 25.82 -18.18 28.88
#